data_3P0Y
#
_entry.id   3P0Y
#
_cell.length_a   81.934
_cell.length_b   200.677
_cell.length_c   49.426
_cell.angle_alpha   90.00
_cell.angle_beta   90.00
_cell.angle_gamma   90.00
#
_symmetry.space_group_name_H-M   'P 21 21 2'
#
loop_
_entity.id
_entity.type
_entity.pdbx_description
1 polymer 'Epidermal growth factor receptor'
2 polymer 'Fab DL11 heavy chain'
3 polymer 'Fab DL11 light chain'
4 branched 2-acetamido-2-deoxy-beta-D-glucopyranose-(1-4)-2-acetamido-2-deoxy-beta-D-glucopyranose
5 branched 2-acetamido-2-deoxy-beta-D-glucopyranose-(1-3)-[beta-L-fucopyranose-(1-6)]2-acetamido-2-deoxy-beta-D-glucopyranose
6 non-polymer GLYCEROL
7 water water
#
loop_
_entity_poly.entity_id
_entity_poly.type
_entity_poly.pdbx_seq_one_letter_code
_entity_poly.pdbx_strand_id
1 'polypeptide(L)'
;RKVCNGIGIGEFKDSLSINATNIKHFKNCTSISGDLHILPVAFRGDSFTHTPPLDPQELDILKTVKEITGFLLIQAWPEN
RTDLHAFENLEIIRGRTKQHGQFSLAVVSLNITSLGLRSLKEISDGDVIISGNKNLCYANTINWKKLFGTSGQKTKIISN
RGENSCKATGQVCHALCSPEGCWGPEPRDCVSCRNVSRGRECVDKGNSHHHHHH
;
A
2 'polypeptide(L)'
;EVQLVESGGGLVQPGGSLRLSCAASGFTLSGDWIHWVRQAPGKGLEWLGEISAAGGYTDYADSVKGRFTISADTSKNTAY
LQMNSLRAEDTAVYYCARESRVSFEAAMDYWGQGTLVTVSSASTKGPSVFPLAPSSKSTSGGTAALGCLVKDYFPEPVTV
SWNSGALTSGVHTFPAVLQSSGLYSLSSVVTVPSSSLGTQTYICNVNHKPSNTKVDKKVEPKSCDKTH
;
H
3 'polypeptide(L)'
;DIQMTQSPSSLSASVGDRVTITCRASQDLATDVAWYQQKPGKAPKLLIYSASFLYSGVPSRFSGSGSGTDFTLTISSLQP
EDFATYYCQQSEPEPYTFGQGTKVEIKRTVAAPSVFIFPPSDEQLKSGTASVVCLLNNFYPREAKVQWKVDNALQSGNSQ
ESVTEQDSKDSTYSLSSTLTLSKADYEKHKVYACEVTHQGLSSPVTKSFNRGEC
;
L
#
# COMPACT_ATOMS: atom_id res chain seq x y z
N ARG A 1 33.65 -30.25 22.94
CA ARG A 1 32.17 -29.99 22.96
C ARG A 1 31.72 -29.58 24.36
N LYS A 2 31.18 -28.36 24.47
CA LYS A 2 30.72 -27.84 25.76
C LYS A 2 29.54 -26.86 25.59
N VAL A 3 28.43 -27.17 26.26
CA VAL A 3 27.22 -26.36 26.22
C VAL A 3 27.18 -25.45 27.44
N CYS A 4 26.94 -24.15 27.22
CA CYS A 4 26.82 -23.21 28.34
C CYS A 4 25.57 -22.35 28.20
N ASN A 5 25.09 -21.86 29.33
CA ASN A 5 23.90 -21.01 29.37
C ASN A 5 24.19 -19.68 28.69
N GLY A 6 23.14 -19.07 28.14
CA GLY A 6 23.29 -17.73 27.56
C GLY A 6 22.98 -16.66 28.58
N ILE A 7 23.01 -15.40 28.13
CA ILE A 7 22.69 -14.26 28.97
C ILE A 7 21.26 -14.36 29.52
N GLY A 8 21.12 -14.21 30.85
CA GLY A 8 19.81 -14.33 31.51
C GLY A 8 19.57 -15.65 32.24
N ILE A 9 20.47 -16.62 32.05
CA ILE A 9 20.30 -17.97 32.62
C ILE A 9 21.53 -18.39 33.43
N GLY A 10 21.31 -19.04 34.58
CA GLY A 10 22.41 -19.60 35.38
C GLY A 10 23.35 -18.56 35.92
N GLU A 11 24.65 -18.74 35.66
CA GLU A 11 25.67 -17.76 36.05
C GLU A 11 25.38 -16.37 35.47
N PHE A 12 24.63 -16.34 34.36
CA PHE A 12 24.32 -15.11 33.65
C PHE A 12 22.93 -14.56 33.98
N LYS A 13 22.27 -15.15 34.97
CA LYS A 13 21.00 -14.61 35.44
C LYS A 13 21.16 -13.15 35.87
N ASP A 14 20.24 -12.31 35.41
CA ASP A 14 20.24 -10.87 35.71
C ASP A 14 21.43 -10.06 35.16
N SER A 15 22.26 -10.68 34.31
CA SER A 15 23.27 -9.95 33.57
C SER A 15 22.62 -9.25 32.38
N LEU A 16 23.01 -8.01 32.13
CA LEU A 16 22.52 -7.27 30.97
C LEU A 16 23.25 -7.64 29.69
N SER A 17 24.50 -8.08 29.85
CA SER A 17 25.39 -8.26 28.70
C SER A 17 26.53 -9.21 29.09
N ILE A 18 27.14 -9.84 28.08
CA ILE A 18 28.49 -10.39 28.27
C ILE A 18 29.29 -9.24 28.87
N ASN A 19 30.06 -9.51 29.92
CA ASN A 19 30.80 -8.42 30.56
C ASN A 19 32.09 -8.93 31.19
N ALA A 20 32.87 -8.02 31.78
CA ALA A 20 34.19 -8.36 32.33
C ALA A 20 34.18 -9.49 33.37
N THR A 21 33.15 -9.50 34.21
CA THR A 21 33.03 -10.48 35.28
C THR A 21 32.53 -11.83 34.77
N ASN A 22 31.59 -11.83 33.83
CA ASN A 22 30.99 -13.09 33.42
C ASN A 22 31.65 -13.78 32.22
N ILE A 23 32.50 -13.05 31.49
CA ILE A 23 33.03 -13.58 30.23
C ILE A 23 33.89 -14.83 30.41
N LYS A 24 34.53 -14.98 31.58
CA LYS A 24 35.30 -16.18 31.90
C LYS A 24 34.46 -17.46 31.84
N HIS A 25 33.18 -17.35 32.18
CA HIS A 25 32.27 -18.50 32.18
C HIS A 25 31.93 -19.04 30.79
N PHE A 26 32.31 -18.31 29.75
CA PHE A 26 32.18 -18.79 28.36
C PHE A 26 33.42 -19.52 27.85
N LYS A 27 34.45 -19.64 28.68
CA LYS A 27 35.69 -20.30 28.27
C LYS A 27 35.42 -21.73 27.78
N ASN A 28 35.87 -22.02 26.57
CA ASN A 28 35.75 -23.36 25.94
C ASN A 28 34.35 -23.77 25.50
N CYS A 29 33.37 -22.86 25.63
N CYS A 29 33.40 -22.85 25.59
CA CYS A 29 32.00 -23.14 25.22
CA CYS A 29 32.04 -23.14 25.19
C CYS A 29 31.92 -23.27 23.71
C CYS A 29 31.90 -23.25 23.69
N THR A 30 31.27 -24.32 23.23
CA THR A 30 31.11 -24.56 21.79
C THR A 30 29.66 -24.32 21.36
N SER A 31 28.76 -24.32 22.34
CA SER A 31 27.34 -24.11 22.08
C SER A 31 26.71 -23.27 23.18
N ILE A 32 26.03 -22.20 22.80
CA ILE A 32 25.29 -21.38 23.75
C ILE A 32 23.84 -21.81 23.74
N SER A 33 23.38 -22.30 24.88
CA SER A 33 21.97 -22.64 25.07
C SER A 33 21.26 -21.41 25.62
N GLY A 34 20.74 -20.60 24.71
CA GLY A 34 20.18 -19.31 25.07
C GLY A 34 20.63 -18.25 24.07
N ASP A 35 20.68 -17.01 24.55
CA ASP A 35 20.94 -15.84 23.71
C ASP A 35 22.23 -15.17 24.16
N LEU A 36 22.86 -14.44 23.23
CA LEU A 36 24.00 -13.58 23.58
C LEU A 36 23.66 -12.11 23.32
N HIS A 37 23.89 -11.28 24.33
CA HIS A 37 23.71 -9.83 24.25
C HIS A 37 25.08 -9.24 24.43
N ILE A 38 25.50 -8.40 23.49
CA ILE A 38 26.71 -7.58 23.66
C ILE A 38 26.29 -6.10 23.55
N LEU A 39 26.33 -5.40 24.69
CA LEU A 39 25.81 -4.03 24.79
C LEU A 39 26.88 -3.01 25.18
N PRO A 40 26.63 -1.72 24.91
CA PRO A 40 27.59 -0.68 25.32
C PRO A 40 28.01 -0.76 26.79
N VAL A 41 27.09 -1.10 27.70
CA VAL A 41 27.41 -1.23 29.14
C VAL A 41 28.62 -2.15 29.40
N ALA A 42 28.78 -3.18 28.56
CA ALA A 42 29.92 -4.10 28.66
C ALA A 42 31.26 -3.36 28.62
N PHE A 43 31.40 -2.44 27.69
CA PHE A 43 32.68 -1.77 27.47
C PHE A 43 32.88 -0.56 28.37
N ARG A 44 31.77 0.01 28.84
N ARG A 44 31.78 0.02 28.84
CA ARG A 44 31.80 1.17 29.72
CA ARG A 44 31.86 1.17 29.73
C ARG A 44 32.06 0.76 31.17
C ARG A 44 32.10 0.74 31.17
N GLY A 45 31.62 -0.45 31.53
CA GLY A 45 31.62 -0.91 32.90
C GLY A 45 30.34 -0.41 33.55
N ASP A 46 30.05 -0.90 34.75
CA ASP A 46 28.82 -0.56 35.44
C ASP A 46 29.07 -0.46 36.95
N SER A 47 28.93 0.74 37.50
CA SER A 47 29.18 0.98 38.92
C SER A 47 28.22 0.20 39.82
N PHE A 48 26.93 0.20 39.47
CA PHE A 48 25.91 -0.46 40.29
C PHE A 48 26.19 -1.94 40.56
N THR A 49 26.61 -2.66 39.53
CA THR A 49 26.83 -4.10 39.65
C THR A 49 28.30 -4.43 39.91
N HIS A 50 29.11 -3.39 40.13
CA HIS A 50 30.55 -3.51 40.39
C HIS A 50 31.26 -4.28 39.26
N THR A 51 30.93 -3.89 38.04
CA THR A 51 31.49 -4.52 36.84
C THR A 51 32.48 -3.57 36.17
N PRO A 52 33.77 -3.97 36.15
CA PRO A 52 34.75 -3.16 35.43
C PRO A 52 34.48 -3.19 33.91
N PRO A 53 35.05 -2.24 33.16
CA PRO A 53 34.95 -2.25 31.70
C PRO A 53 35.54 -3.53 31.12
N LEU A 54 34.93 -4.04 30.06
CA LEU A 54 35.41 -5.25 29.41
C LEU A 54 36.61 -4.92 28.54
N ASP A 55 37.70 -5.64 28.76
CA ASP A 55 38.86 -5.59 27.88
C ASP A 55 38.42 -6.28 26.57
N PRO A 56 38.33 -5.53 25.47
CA PRO A 56 37.90 -6.11 24.19
C PRO A 56 38.69 -7.36 23.76
N GLN A 57 39.92 -7.51 24.23
CA GLN A 57 40.71 -8.70 23.92
C GLN A 57 40.08 -9.98 24.45
N GLU A 58 39.31 -9.86 25.53
CA GLU A 58 38.60 -10.98 26.13
C GLU A 58 37.51 -11.57 25.22
N LEU A 59 37.09 -10.81 24.21
CA LEU A 59 36.08 -11.29 23.25
C LEU A 59 36.56 -12.56 22.51
N ASP A 60 37.88 -12.71 22.37
CA ASP A 60 38.48 -13.91 21.76
C ASP A 60 38.01 -15.22 22.41
N ILE A 61 37.56 -15.12 23.66
CA ILE A 61 36.95 -16.27 24.36
C ILE A 61 35.82 -16.90 23.55
N LEU A 62 35.11 -16.08 22.78
CA LEU A 62 33.93 -16.52 22.03
C LEU A 62 34.24 -17.30 20.77
N LYS A 63 35.52 -17.33 20.38
CA LYS A 63 35.95 -17.98 19.13
C LYS A 63 35.65 -19.48 19.08
N THR A 64 35.43 -20.11 20.23
CA THR A 64 35.07 -21.52 20.30
C THR A 64 33.56 -21.75 20.09
N VAL A 65 32.77 -20.69 20.10
CA VAL A 65 31.31 -20.82 19.92
C VAL A 65 30.94 -21.12 18.46
N LYS A 66 30.35 -22.29 18.25
CA LYS A 66 29.90 -22.71 16.93
C LYS A 66 28.39 -22.61 16.76
N GLU A 67 27.67 -22.56 17.88
CA GLU A 67 26.20 -22.62 17.87
C GLU A 67 25.62 -21.70 18.94
N ILE A 68 24.57 -20.96 18.56
CA ILE A 68 23.75 -20.23 19.51
C ILE A 68 22.31 -20.70 19.24
N THR A 69 21.66 -21.27 20.26
CA THR A 69 20.29 -21.80 20.07
C THR A 69 19.25 -20.70 20.03
N GLY A 70 19.56 -19.56 20.64
CA GLY A 70 18.62 -18.45 20.69
C GLY A 70 19.01 -17.37 19.70
N PHE A 71 19.15 -16.15 20.20
CA PHE A 71 19.54 -15.02 19.33
C PHE A 71 20.90 -14.40 19.66
N LEU A 72 21.46 -13.72 18.67
CA LEU A 72 22.68 -12.95 18.82
C LEU A 72 22.40 -11.47 18.62
N LEU A 73 22.61 -10.69 19.67
CA LEU A 73 22.41 -9.24 19.63
C LEU A 73 23.75 -8.55 19.86
N ILE A 74 24.21 -7.79 18.87
CA ILE A 74 25.43 -7.01 19.06
C ILE A 74 25.15 -5.53 18.82
N GLN A 75 25.07 -4.76 19.90
N GLN A 75 25.11 -4.75 19.91
CA GLN A 75 24.84 -3.32 19.79
CA GLN A 75 24.85 -3.29 19.89
C GLN A 75 26.06 -2.48 20.28
C GLN A 75 26.09 -2.45 20.30
N ALA A 76 27.20 -3.13 20.50
CA ALA A 76 28.48 -2.46 20.79
C ALA A 76 29.61 -3.37 20.41
N TRP A 77 30.71 -2.78 19.96
CA TRP A 77 31.86 -3.52 19.47
C TRP A 77 33.09 -2.59 19.47
N PRO A 78 34.29 -3.14 19.72
CA PRO A 78 35.49 -2.28 19.66
C PRO A 78 35.51 -1.56 18.32
N GLU A 79 35.62 -0.24 18.35
CA GLU A 79 35.56 0.57 17.11
C GLU A 79 36.76 0.26 16.25
N ASN A 80 37.83 -0.13 16.94
CA ASN A 80 39.07 -0.74 16.43
C ASN A 80 38.93 -1.93 15.51
N ARG A 81 37.82 -2.66 15.63
CA ARG A 81 37.67 -3.92 14.93
C ARG A 81 36.85 -3.76 13.66
N THR A 82 37.42 -4.18 12.53
CA THR A 82 36.74 -4.04 11.23
C THR A 82 35.66 -5.08 10.98
N ASP A 83 35.67 -6.19 11.74
CA ASP A 83 34.65 -7.22 11.61
C ASP A 83 34.29 -7.92 12.93
N LEU A 84 33.36 -8.86 12.89
CA LEU A 84 32.92 -9.61 14.07
C LEU A 84 33.85 -10.80 14.31
N HIS A 85 35.12 -10.45 14.55
CA HIS A 85 36.23 -11.41 14.65
C HIS A 85 35.98 -12.57 15.60
N ALA A 86 35.40 -12.28 16.77
CA ALA A 86 35.12 -13.29 17.79
C ALA A 86 34.15 -14.37 17.32
N PHE A 87 33.33 -14.03 16.33
CA PHE A 87 32.32 -14.96 15.84
C PHE A 87 32.69 -15.61 14.49
N GLU A 88 33.99 -15.59 14.19
CA GLU A 88 34.49 -16.17 12.93
C GLU A 88 34.22 -17.67 12.77
N ASN A 89 33.95 -18.36 13.88
CA ASN A 89 33.64 -19.80 13.89
C ASN A 89 32.17 -20.16 14.09
N LEU A 90 31.34 -19.16 14.31
CA LEU A 90 29.89 -19.37 14.47
C LEU A 90 29.27 -19.97 13.20
N GLU A 91 28.65 -21.15 13.34
CA GLU A 91 28.08 -21.90 12.21
C GLU A 91 26.55 -21.81 12.12
N ILE A 92 25.89 -21.70 13.28
CA ILE A 92 24.43 -21.70 13.28
C ILE A 92 23.84 -20.83 14.39
N ILE A 93 22.81 -20.07 14.03
CA ILE A 93 21.98 -19.35 15.00
C ILE A 93 20.58 -19.94 14.83
N ARG A 94 20.04 -20.56 15.87
CA ARG A 94 18.78 -21.27 15.71
C ARG A 94 17.53 -20.40 15.86
N GLY A 95 17.63 -19.34 16.64
CA GLY A 95 16.48 -18.47 16.88
C GLY A 95 15.30 -19.16 17.54
N ARG A 96 15.57 -20.14 18.41
CA ARG A 96 14.50 -20.76 19.21
C ARG A 96 13.88 -19.75 20.15
N THR A 97 14.72 -18.88 20.68
CA THR A 97 14.25 -17.68 21.36
C THR A 97 14.71 -16.50 20.51
N LYS A 98 13.90 -15.45 20.45
CA LYS A 98 14.14 -14.31 19.55
C LYS A 98 13.99 -12.99 20.29
N GLN A 99 14.79 -11.99 19.88
CA GLN A 99 14.72 -10.67 20.52
C GLN A 99 13.40 -10.01 20.15
N HIS A 100 12.66 -9.60 21.16
CA HIS A 100 11.28 -9.07 21.02
C HIS A 100 10.35 -10.12 20.41
N GLY A 101 10.73 -11.39 20.47
CA GLY A 101 10.01 -12.45 19.81
C GLY A 101 10.12 -12.43 18.29
N GLN A 102 11.04 -11.60 17.75
CA GLN A 102 11.16 -11.44 16.30
C GLN A 102 12.56 -11.72 15.71
N PHE A 103 13.62 -11.19 16.32
CA PHE A 103 14.96 -11.19 15.70
C PHE A 103 15.89 -12.27 16.24
N SER A 104 16.58 -12.97 15.34
CA SER A 104 17.61 -13.94 15.75
C SER A 104 19.03 -13.40 15.55
N LEU A 105 19.18 -12.40 14.67
CA LEU A 105 20.47 -11.69 14.52
C LEU A 105 20.23 -10.20 14.41
N ALA A 106 20.82 -9.45 15.33
CA ALA A 106 20.69 -7.99 15.32
C ALA A 106 22.08 -7.38 15.47
N VAL A 107 22.53 -6.67 14.45
CA VAL A 107 23.85 -6.06 14.43
C VAL A 107 23.62 -4.59 14.24
N VAL A 108 23.87 -3.80 15.28
CA VAL A 108 23.33 -2.44 15.38
C VAL A 108 24.37 -1.42 15.82
N SER A 109 24.48 -0.36 15.02
CA SER A 109 25.28 0.84 15.35
C SER A 109 26.74 0.55 15.70
N LEU A 110 27.38 -0.34 14.92
CA LEU A 110 28.79 -0.66 15.11
C LEU A 110 29.65 0.06 14.08
N ASN A 111 30.97 0.03 14.29
CA ASN A 111 31.94 0.69 13.40
C ASN A 111 32.55 -0.23 12.35
N ILE A 112 32.10 -1.49 12.33
CA ILE A 112 32.65 -2.51 11.45
C ILE A 112 32.48 -2.20 9.95
N THR A 113 33.44 -2.66 9.16
CA THR A 113 33.35 -2.57 7.70
C THR A 113 32.80 -3.84 7.04
N SER A 114 32.91 -4.98 7.72
CA SER A 114 32.33 -6.23 7.23
C SER A 114 31.82 -7.07 8.40
N LEU A 115 30.87 -7.96 8.13
CA LEU A 115 30.36 -8.84 9.18
C LEU A 115 31.40 -9.89 9.58
N GLY A 116 32.03 -10.52 8.59
CA GLY A 116 33.07 -11.54 8.86
C GLY A 116 32.58 -12.85 9.46
N LEU A 117 31.28 -13.14 9.30
CA LEU A 117 30.69 -14.37 9.84
C LEU A 117 30.92 -15.53 8.87
N ARG A 118 32.20 -15.80 8.61
CA ARG A 118 32.65 -16.69 7.54
C ARG A 118 32.19 -18.13 7.69
N SER A 119 31.90 -18.55 8.91
CA SER A 119 31.49 -19.93 9.15
C SER A 119 29.97 -20.11 9.18
N LEU A 120 29.22 -19.00 9.11
CA LEU A 120 27.77 -19.05 9.28
C LEU A 120 27.06 -19.69 8.09
N LYS A 121 26.37 -20.80 8.36
CA LYS A 121 25.71 -21.57 7.30
C LYS A 121 24.19 -21.64 7.46
N GLU A 122 23.70 -21.31 8.66
CA GLU A 122 22.27 -21.38 8.94
C GLU A 122 21.78 -20.42 10.02
N ILE A 123 20.65 -19.76 9.73
CA ILE A 123 19.89 -19.05 10.74
C ILE A 123 18.49 -19.68 10.66
N SER A 124 18.16 -20.54 11.62
CA SER A 124 17.04 -21.47 11.49
C SER A 124 15.68 -20.80 11.53
N ASP A 125 15.58 -19.71 12.30
CA ASP A 125 14.33 -18.97 12.47
C ASP A 125 14.70 -17.56 12.91
N GLY A 126 13.73 -16.65 12.84
CA GLY A 126 13.94 -15.26 13.27
C GLY A 126 14.39 -14.37 12.13
N ASP A 127 14.15 -13.07 12.30
CA ASP A 127 14.57 -12.08 11.32
C ASP A 127 16.01 -11.63 11.58
N VAL A 128 16.63 -11.13 10.53
CA VAL A 128 17.96 -10.53 10.61
C VAL A 128 17.80 -9.03 10.44
N ILE A 129 18.30 -8.25 11.40
CA ILE A 129 18.35 -6.79 11.26
C ILE A 129 19.79 -6.28 11.31
N ILE A 130 20.21 -5.64 10.22
CA ILE A 130 21.54 -5.05 10.14
C ILE A 130 21.32 -3.54 9.92
N SER A 131 21.57 -2.78 10.98
CA SER A 131 21.08 -1.40 11.03
C SER A 131 22.07 -0.40 11.62
N GLY A 132 22.28 0.71 10.91
CA GLY A 132 23.01 1.84 11.47
C GLY A 132 24.53 1.66 11.59
N ASN A 133 25.05 0.68 10.85
CA ASN A 133 26.49 0.42 10.83
C ASN A 133 27.09 1.20 9.66
N LYS A 134 27.48 2.46 9.93
CA LYS A 134 27.75 3.46 8.91
C LYS A 134 28.91 3.11 7.96
N ASN A 135 29.78 2.22 8.41
CA ASN A 135 30.94 1.78 7.63
C ASN A 135 30.77 0.40 7.00
N LEU A 136 29.63 -0.23 7.24
CA LEU A 136 29.46 -1.63 6.88
C LEU A 136 29.02 -1.89 5.44
N CYS A 137 29.83 -2.68 4.75
CA CYS A 137 29.58 -3.09 3.37
C CYS A 137 29.36 -4.61 3.34
N TYR A 138 29.16 -5.18 2.14
CA TYR A 138 29.09 -6.65 1.89
C TYR A 138 27.81 -7.39 2.30
N ALA A 139 27.05 -6.83 3.25
CA ALA A 139 25.88 -7.53 3.82
C ALA A 139 24.81 -7.88 2.79
N ASN A 140 24.61 -7.01 1.80
N ASN A 140 24.59 -7.03 1.80
CA ASN A 140 23.62 -7.23 0.74
CA ASN A 140 23.57 -7.31 0.78
C ASN A 140 24.03 -8.27 -0.30
C ASN A 140 23.99 -8.39 -0.22
N THR A 141 25.28 -8.74 -0.24
CA THR A 141 25.78 -9.74 -1.19
C THR A 141 25.36 -11.15 -0.80
N ILE A 142 25.09 -11.35 0.49
CA ILE A 142 24.69 -12.67 0.99
C ILE A 142 23.30 -13.07 0.48
N ASN A 143 23.16 -14.32 0.07
CA ASN A 143 21.84 -14.84 -0.28
C ASN A 143 21.17 -15.36 0.99
N TRP A 144 20.54 -14.43 1.72
CA TRP A 144 20.01 -14.73 3.05
C TRP A 144 18.98 -15.84 3.05
N LYS A 145 18.17 -15.89 1.99
CA LYS A 145 17.13 -16.90 1.81
C LYS A 145 17.69 -18.31 1.98
N LYS A 146 18.91 -18.53 1.51
CA LYS A 146 19.56 -19.84 1.61
C LYS A 146 20.04 -20.21 3.01
N LEU A 147 20.39 -19.19 3.83
CA LEU A 147 20.76 -19.44 5.23
C LEU A 147 19.54 -19.79 6.07
N PHE A 148 18.38 -19.28 5.65
CA PHE A 148 17.13 -19.38 6.41
C PHE A 148 16.51 -20.79 6.42
N GLY A 149 15.88 -21.14 7.53
CA GLY A 149 15.27 -22.46 7.67
C GLY A 149 13.76 -22.42 7.81
N THR A 150 13.21 -21.22 7.97
CA THR A 150 11.78 -21.06 8.20
C THR A 150 11.20 -20.10 7.19
N SER A 151 10.17 -20.54 6.48
CA SER A 151 9.55 -19.71 5.45
C SER A 151 9.05 -18.41 6.08
N GLY A 152 9.41 -17.29 5.48
CA GLY A 152 8.94 -16.00 6.00
C GLY A 152 9.91 -15.24 6.89
N GLN A 153 11.05 -15.84 7.24
CA GLN A 153 12.15 -15.06 7.85
C GLN A 153 12.54 -13.93 6.90
N LYS A 154 12.87 -12.78 7.48
CA LYS A 154 13.23 -11.57 6.73
C LYS A 154 14.65 -11.14 7.04
N THR A 155 15.30 -10.51 6.06
CA THR A 155 16.51 -9.71 6.31
C THR A 155 16.27 -8.25 5.92
N LYS A 156 16.57 -7.33 6.82
CA LYS A 156 16.52 -5.91 6.50
C LYS A 156 17.87 -5.28 6.77
N ILE A 157 18.41 -4.62 5.75
CA ILE A 157 19.73 -4.00 5.83
C ILE A 157 19.51 -2.51 5.57
N ILE A 158 19.55 -1.73 6.65
CA ILE A 158 19.13 -0.32 6.64
C ILE A 158 20.18 0.59 7.24
N SER A 159 20.46 1.71 6.57
CA SER A 159 21.29 2.78 7.11
C SER A 159 22.71 2.32 7.47
N ASN A 160 23.27 1.44 6.64
CA ASN A 160 24.67 1.08 6.73
C ASN A 160 25.40 1.91 5.70
N ARG A 161 26.57 1.47 5.22
CA ARG A 161 27.27 2.22 4.17
C ARG A 161 26.48 2.14 2.85
N GLY A 162 26.29 3.27 2.21
CA GLY A 162 25.55 3.30 0.95
C GLY A 162 26.13 2.31 -0.05
N GLU A 163 25.26 1.67 -0.81
CA GLU A 163 25.67 0.74 -1.87
C GLU A 163 26.66 1.38 -2.86
N ASN A 164 26.40 2.64 -3.25
CA ASN A 164 27.29 3.37 -4.17
C ASN A 164 28.67 3.63 -3.56
N SER A 165 28.68 4.00 -2.28
CA SER A 165 29.92 4.24 -1.57
C SER A 165 30.75 2.98 -1.38
N CYS A 166 30.10 1.84 -1.11
CA CYS A 166 30.80 0.55 -1.05
C CYS A 166 31.42 0.18 -2.39
N LYS A 167 30.69 0.46 -3.47
CA LYS A 167 31.20 0.21 -4.81
C LYS A 167 32.37 1.17 -5.14
N ALA A 168 32.19 2.47 -4.85
CA ALA A 168 33.25 3.46 -5.10
C ALA A 168 34.56 3.19 -4.33
N THR A 169 34.45 2.67 -3.10
CA THR A 169 35.63 2.39 -2.27
C THR A 169 36.21 0.99 -2.50
N GLY A 170 35.59 0.20 -3.37
CA GLY A 170 36.06 -1.15 -3.66
C GLY A 170 35.61 -2.23 -2.70
N GLN A 171 34.78 -1.86 -1.74
CA GLN A 171 34.32 -2.76 -0.69
C GLN A 171 33.18 -3.64 -1.21
N VAL A 172 33.55 -4.53 -2.12
CA VAL A 172 32.66 -5.51 -2.74
C VAL A 172 33.35 -6.86 -2.70
N CYS A 173 32.65 -7.92 -3.11
CA CYS A 173 33.22 -9.26 -3.04
C CYS A 173 34.45 -9.42 -3.93
N HIS A 174 35.38 -10.26 -3.48
CA HIS A 174 36.59 -10.58 -4.23
C HIS A 174 36.21 -11.26 -5.53
N ALA A 175 37.02 -11.03 -6.57
CA ALA A 175 36.76 -11.62 -7.89
C ALA A 175 36.61 -13.14 -7.83
N LEU A 176 37.26 -13.77 -6.85
CA LEU A 176 37.25 -15.24 -6.76
C LEU A 176 35.94 -15.81 -6.22
N CYS A 177 35.08 -14.96 -5.65
CA CYS A 177 33.81 -15.43 -5.08
C CYS A 177 32.79 -15.75 -6.15
N SER A 178 32.00 -16.78 -5.88
CA SER A 178 30.78 -17.08 -6.63
C SER A 178 29.72 -15.98 -6.38
N PRO A 179 28.59 -16.03 -7.14
CA PRO A 179 27.46 -15.11 -6.93
C PRO A 179 26.77 -15.23 -5.55
N GLU A 180 27.18 -16.18 -4.72
CA GLU A 180 26.64 -16.35 -3.37
C GLU A 180 27.08 -15.26 -2.39
N GLY A 181 28.03 -14.43 -2.80
CA GLY A 181 28.41 -13.26 -2.03
C GLY A 181 29.47 -13.57 -1.00
N CYS A 182 29.59 -12.69 -0.01
CA CYS A 182 30.75 -12.72 0.88
C CYS A 182 30.52 -11.98 2.19
N TRP A 183 31.42 -12.26 3.14
CA TRP A 183 31.36 -11.72 4.49
C TRP A 183 32.40 -10.63 4.69
N GLY A 184 33.07 -10.25 3.59
CA GLY A 184 34.19 -9.32 3.63
C GLY A 184 34.98 -9.40 2.31
N PRO A 185 36.05 -8.61 2.19
CA PRO A 185 36.74 -8.43 0.90
C PRO A 185 37.69 -9.54 0.45
N GLU A 186 38.06 -10.44 1.37
CA GLU A 186 39.11 -11.41 1.10
C GLU A 186 38.55 -12.70 0.50
N PRO A 187 39.37 -13.49 -0.22
CA PRO A 187 38.93 -14.78 -0.72
C PRO A 187 38.37 -15.73 0.36
N ARG A 188 38.89 -15.66 1.58
CA ARG A 188 38.39 -16.48 2.69
C ARG A 188 36.97 -16.07 3.11
N ASP A 189 36.56 -14.86 2.71
CA ASP A 189 35.23 -14.33 3.05
C ASP A 189 34.13 -14.77 2.10
N CYS A 190 34.49 -15.31 0.93
CA CYS A 190 33.50 -15.80 -0.03
C CYS A 190 32.67 -16.91 0.60
N VAL A 191 31.36 -16.89 0.39
CA VAL A 191 30.49 -18.02 0.75
C VAL A 191 30.95 -19.27 0.01
N SER A 192 31.20 -19.14 -1.30
CA SER A 192 31.78 -20.22 -2.12
C SER A 192 32.65 -19.66 -3.25
N CYS A 193 33.50 -20.51 -3.81
CA CYS A 193 34.48 -20.07 -4.80
C CYS A 193 34.08 -20.36 -6.26
N ARG A 194 34.71 -19.62 -7.18
CA ARG A 194 34.60 -19.88 -8.62
C ARG A 194 35.71 -20.83 -9.06
N GLU B 1 -9.93 -11.89 8.95
CA GLU B 1 -9.49 -11.78 10.37
C GLU B 1 -8.37 -10.74 10.55
N VAL B 2 -7.36 -10.77 9.69
CA VAL B 2 -6.39 -9.66 9.62
C VAL B 2 -7.05 -8.45 8.96
N GLN B 3 -6.93 -7.29 9.61
CA GLN B 3 -7.45 -6.06 9.06
C GLN B 3 -6.55 -4.88 9.43
N LEU B 4 -6.47 -3.93 8.52
CA LEU B 4 -5.79 -2.67 8.74
C LEU B 4 -6.74 -1.52 8.40
N VAL B 5 -6.75 -0.49 9.24
CA VAL B 5 -7.62 0.64 8.99
C VAL B 5 -6.85 1.95 9.14
N GLU B 6 -6.68 2.68 8.03
CA GLU B 6 -6.05 4.01 8.09
C GLU B 6 -7.08 5.08 8.45
N SER B 7 -6.61 6.09 9.19
CA SER B 7 -7.43 7.26 9.46
C SER B 7 -6.54 8.48 9.53
N GLY B 8 -7.17 9.65 9.46
CA GLY B 8 -6.46 10.91 9.66
C GLY B 8 -6.40 11.78 8.42
N GLY B 9 -6.81 11.25 7.28
CA GLY B 9 -6.82 12.00 6.03
C GLY B 9 -7.77 13.19 6.07
N GLY B 10 -7.53 14.16 5.18
CA GLY B 10 -8.31 15.38 5.15
C GLY B 10 -7.48 16.47 4.50
N LEU B 11 -7.94 17.71 4.65
CA LEU B 11 -7.28 18.86 4.05
C LEU B 11 -6.13 19.40 4.90
N VAL B 12 -5.00 19.64 4.24
CA VAL B 12 -3.83 20.27 4.84
C VAL B 12 -3.42 21.44 3.96
N GLN B 13 -3.12 22.57 4.59
CA GLN B 13 -2.57 23.72 3.85
C GLN B 13 -1.13 23.43 3.44
N PRO B 14 -0.71 23.92 2.25
CA PRO B 14 0.70 23.70 1.90
C PRO B 14 1.62 24.23 3.01
N GLY B 15 2.63 23.43 3.36
CA GLY B 15 3.58 23.78 4.41
C GLY B 15 3.19 23.18 5.74
N GLY B 16 1.94 22.71 5.84
CA GLY B 16 1.43 22.12 7.08
C GLY B 16 1.83 20.66 7.25
N SER B 17 1.46 20.09 8.39
CA SER B 17 1.85 18.71 8.73
C SER B 17 0.62 17.89 9.12
N LEU B 18 0.77 16.56 9.10
CA LEU B 18 -0.34 15.68 9.45
C LEU B 18 0.23 14.34 9.92
N ARG B 19 -0.43 13.71 10.88
CA ARG B 19 -0.11 12.34 11.26
C ARG B 19 -1.25 11.42 10.92
N LEU B 20 -0.97 10.41 10.11
CA LEU B 20 -1.96 9.38 9.80
C LEU B 20 -1.76 8.20 10.76
N SER B 21 -2.83 7.47 11.03
CA SER B 21 -2.78 6.28 11.88
C SER B 21 -3.19 5.07 11.06
N CYS B 22 -2.73 3.89 11.49
CA CYS B 22 -3.05 2.61 10.85
C CYS B 22 -3.32 1.62 11.99
N ALA B 23 -4.60 1.36 12.26
CA ALA B 23 -4.99 0.45 13.33
C ALA B 23 -5.05 -0.99 12.81
N ALA B 24 -4.25 -1.85 13.42
CA ALA B 24 -4.24 -3.27 13.08
C ALA B 24 -5.12 -4.09 14.01
N SER B 25 -5.77 -5.09 13.43
CA SER B 25 -6.48 -6.11 14.19
C SER B 25 -6.26 -7.48 13.57
N GLY B 26 -6.36 -8.53 14.38
CA GLY B 26 -6.18 -9.91 13.90
C GLY B 26 -4.74 -10.42 13.87
N PHE B 27 -3.80 -9.52 14.15
CA PHE B 27 -2.38 -9.84 14.26
C PHE B 27 -1.75 -8.69 15.04
N THR B 28 -0.55 -8.89 15.58
CA THR B 28 0.14 -7.80 16.28
C THR B 28 1.18 -7.16 15.38
N LEU B 29 1.24 -5.83 15.37
CA LEU B 29 2.29 -5.12 14.65
C LEU B 29 3.64 -5.60 15.14
N SER B 30 3.78 -5.76 16.45
CA SER B 30 5.00 -6.30 17.02
C SER B 30 5.22 -7.74 16.56
N GLY B 31 6.31 -7.97 15.83
CA GLY B 31 6.61 -9.26 15.25
C GLY B 31 6.55 -9.23 13.73
N ASP B 32 6.04 -8.13 13.16
CA ASP B 32 5.89 -8.01 11.71
C ASP B 32 6.39 -6.67 11.18
N TRP B 33 6.49 -6.59 9.85
CA TRP B 33 6.84 -5.36 9.16
C TRP B 33 5.59 -4.77 8.50
N ILE B 34 5.43 -3.47 8.65
CA ILE B 34 4.31 -2.72 8.09
C ILE B 34 4.87 -1.67 7.13
N HIS B 35 4.21 -1.48 5.99
CA HIS B 35 4.67 -0.52 4.97
C HIS B 35 3.62 0.55 4.76
N TRP B 36 4.08 1.76 4.42
CA TRP B 36 3.19 2.80 3.93
C TRP B 36 3.43 3.00 2.44
N VAL B 37 2.34 3.08 1.69
CA VAL B 37 2.37 3.19 0.22
C VAL B 37 1.34 4.24 -0.15
N ARG B 38 1.67 5.14 -1.08
CA ARG B 38 0.68 6.13 -1.50
C ARG B 38 0.34 6.05 -2.99
N GLN B 39 -0.76 6.68 -3.36
CA GLN B 39 -1.25 6.66 -4.74
C GLN B 39 -1.94 7.98 -5.06
N ALA B 40 -1.29 8.80 -5.88
CA ALA B 40 -1.90 10.07 -6.30
C ALA B 40 -3.08 9.75 -7.20
N PRO B 41 -4.12 10.62 -7.22
CA PRO B 41 -5.32 10.30 -8.01
C PRO B 41 -5.00 9.95 -9.47
N GLY B 42 -5.47 8.78 -9.89
CA GLY B 42 -5.25 8.29 -11.24
C GLY B 42 -3.83 7.85 -11.58
N LYS B 43 -2.95 7.80 -10.58
CA LYS B 43 -1.55 7.45 -10.78
C LYS B 43 -1.22 6.08 -10.16
N GLY B 44 0.06 5.71 -10.21
CA GLY B 44 0.50 4.40 -9.74
C GLY B 44 0.82 4.40 -8.25
N LEU B 45 1.40 3.30 -7.79
CA LEU B 45 1.70 3.12 -6.37
C LEU B 45 3.14 3.51 -6.08
N GLU B 46 3.34 4.17 -4.95
CA GLU B 46 4.68 4.61 -4.53
C GLU B 46 4.95 4.17 -3.08
N TRP B 47 5.91 3.28 -2.91
CA TRP B 47 6.36 2.86 -1.56
C TRP B 47 6.98 4.05 -0.83
N LEU B 48 6.62 4.22 0.44
CA LEU B 48 7.11 5.35 1.24
C LEU B 48 8.07 4.94 2.34
N GLY B 49 7.78 3.82 2.99
CA GLY B 49 8.64 3.38 4.08
C GLY B 49 8.07 2.17 4.80
N GLU B 50 8.86 1.66 5.76
CA GLU B 50 8.47 0.50 6.54
C GLU B 50 8.91 0.63 7.99
N ILE B 51 8.25 -0.13 8.87
CA ILE B 51 8.61 -0.19 10.29
C ILE B 51 8.43 -1.59 10.85
N SER B 52 9.35 -1.99 11.71
CA SER B 52 9.17 -3.14 12.59
C SER B 52 8.84 -2.52 13.95
N ALA B 53 7.57 -2.59 14.35
CA ALA B 53 7.15 -2.00 15.64
C ALA B 53 8.04 -2.51 16.78
N ALA B 54 8.35 -3.81 16.74
CA ALA B 54 9.34 -4.38 17.67
C ALA B 54 10.74 -3.93 17.25
N GLY B 55 11.43 -3.23 18.15
CA GLY B 55 12.77 -2.69 17.85
C GLY B 55 12.77 -1.31 17.23
N GLY B 56 11.66 -0.93 16.59
CA GLY B 56 11.46 0.40 15.99
C GLY B 56 12.28 0.74 14.76
N TYR B 57 12.76 -0.28 14.05
CA TYR B 57 13.56 -0.08 12.83
C TYR B 57 12.69 0.47 11.70
N THR B 58 13.17 1.54 11.06
CA THR B 58 12.44 2.15 9.94
C THR B 58 13.36 2.36 8.73
N ASP B 59 12.76 2.36 7.56
CA ASP B 59 13.45 2.72 6.33
C ASP B 59 12.49 3.54 5.48
N TYR B 60 13.03 4.43 4.65
CA TYR B 60 12.20 5.37 3.91
C TYR B 60 12.65 5.50 2.46
N ALA B 61 11.70 5.83 1.59
CA ALA B 61 12.00 6.18 0.21
C ALA B 61 12.82 7.48 0.17
N ASP B 62 13.82 7.54 -0.70
CA ASP B 62 14.61 8.78 -0.86
C ASP B 62 13.73 10.02 -1.09
N SER B 63 12.62 9.84 -1.82
CA SER B 63 11.70 10.94 -2.12
C SER B 63 11.11 11.66 -0.88
N VAL B 64 11.03 10.98 0.25
CA VAL B 64 10.37 11.54 1.45
C VAL B 64 11.26 11.57 2.71
N LYS B 65 12.46 11.01 2.61
CA LYS B 65 13.44 11.02 3.70
C LYS B 65 13.68 12.45 4.18
N GLY B 66 13.64 12.65 5.49
CA GLY B 66 13.73 14.00 6.06
C GLY B 66 12.39 14.66 6.33
N ARG B 67 11.35 14.25 5.60
CA ARG B 67 10.02 14.87 5.73
C ARG B 67 9.00 13.91 6.35
N PHE B 68 9.02 12.66 5.90
CA PHE B 68 8.05 11.65 6.38
C PHE B 68 8.76 10.69 7.30
N THR B 69 8.11 10.33 8.40
CA THR B 69 8.65 9.34 9.32
C THR B 69 7.55 8.44 9.85
N ILE B 70 7.95 7.25 10.30
CA ILE B 70 7.01 6.21 10.71
C ILE B 70 7.28 5.82 12.16
N SER B 71 6.22 5.60 12.91
CA SER B 71 6.33 5.10 14.27
C SER B 71 5.21 4.10 14.56
N ALA B 72 5.25 3.51 15.75
CA ALA B 72 4.23 2.56 16.17
C ALA B 72 4.07 2.54 17.68
N ASP B 73 2.82 2.38 18.12
CA ASP B 73 2.48 2.20 19.53
C ASP B 73 1.99 0.77 19.69
N THR B 74 2.83 -0.10 20.25
CA THR B 74 2.47 -1.51 20.38
C THR B 74 1.28 -1.72 21.33
N SER B 75 1.12 -0.84 22.33
CA SER B 75 -0.02 -0.96 23.25
C SER B 75 -1.35 -0.71 22.53
N LYS B 76 -1.33 0.16 21.52
CA LYS B 76 -2.52 0.49 20.74
C LYS B 76 -2.61 -0.35 19.46
N ASN B 77 -1.56 -1.15 19.21
CA ASN B 77 -1.43 -1.93 17.98
C ASN B 77 -1.68 -1.05 16.76
N THR B 78 -1.06 0.14 16.78
CA THR B 78 -1.29 1.16 15.76
C THR B 78 0.03 1.71 15.23
N ALA B 79 0.12 1.89 13.90
CA ALA B 79 1.29 2.49 13.27
C ALA B 79 0.93 3.88 12.79
N TYR B 80 1.94 4.73 12.60
CA TYR B 80 1.68 6.13 12.27
C TYR B 80 2.59 6.58 11.14
N LEU B 81 2.07 7.48 10.31
CA LEU B 81 2.90 8.16 9.31
C LEU B 81 2.84 9.65 9.58
N GLN B 82 3.98 10.20 10.00
CA GLN B 82 4.11 11.62 10.28
C GLN B 82 4.62 12.31 9.03
N MET B 83 3.85 13.26 8.54
CA MET B 83 4.25 13.94 7.32
C MET B 83 4.41 15.44 7.57
N ASN B 84 5.66 15.92 7.50
CA ASN B 84 5.98 17.34 7.67
C ASN B 84 6.08 18.02 6.31
N SER B 85 5.85 19.34 6.29
CA SER B 85 6.16 20.20 5.13
C SER B 85 5.46 19.71 3.87
N LEU B 86 4.15 19.52 3.99
CA LEU B 86 3.35 18.95 2.90
C LEU B 86 3.18 19.92 1.73
N ARG B 87 3.14 19.36 0.52
N ARG B 87 3.16 19.36 0.52
CA ARG B 87 3.03 20.13 -0.71
CA ARG B 87 3.02 20.13 -0.72
C ARG B 87 1.86 19.60 -1.53
C ARG B 87 1.84 19.60 -1.52
N ALA B 88 1.34 20.42 -2.44
CA ALA B 88 0.20 20.00 -3.31
C ALA B 88 0.39 18.61 -3.90
N GLU B 89 1.61 18.31 -4.33
CA GLU B 89 1.97 17.04 -4.97
C GLU B 89 1.95 15.83 -4.04
N ASP B 90 1.81 16.07 -2.74
CA ASP B 90 1.64 14.96 -1.76
C ASP B 90 0.18 14.53 -1.63
N THR B 91 -0.71 15.19 -2.38
CA THR B 91 -2.12 14.80 -2.43
C THR B 91 -2.23 13.37 -2.97
N ALA B 92 -2.82 12.49 -2.17
CA ALA B 92 -2.87 11.05 -2.52
C ALA B 92 -3.67 10.26 -1.50
N VAL B 93 -4.04 9.05 -1.89
CA VAL B 93 -4.56 8.07 -0.95
C VAL B 93 -3.34 7.39 -0.33
N TYR B 94 -3.33 7.32 1.00
CA TYR B 94 -2.25 6.72 1.76
C TYR B 94 -2.73 5.40 2.34
N TYR B 95 -1.97 4.34 2.05
CA TYR B 95 -2.26 3.00 2.49
C TYR B 95 -1.21 2.49 3.45
N CYS B 96 -1.64 1.73 4.45
N CYS B 96 -1.65 1.64 4.35
CA CYS B 96 -0.70 0.88 5.15
CA CYS B 96 -0.79 0.88 5.22
C CYS B 96 -0.94 -0.55 4.71
C CYS B 96 -0.98 -0.62 4.89
N ALA B 97 0.11 -1.36 4.76
CA ALA B 97 0.05 -2.74 4.33
C ALA B 97 0.99 -3.61 5.14
N ARG B 98 0.53 -4.82 5.45
CA ARG B 98 1.35 -5.79 6.14
C ARG B 98 2.24 -6.54 5.16
N GLU B 99 3.52 -6.67 5.51
CA GLU B 99 4.40 -7.53 4.73
C GLU B 99 4.08 -8.99 5.06
N SER B 100 3.83 -9.78 4.02
CA SER B 100 3.53 -11.20 4.18
C SER B 100 4.71 -11.99 4.70
N ARG B 101 4.43 -13.11 5.36
CA ARG B 101 5.49 -14.04 5.72
C ARG B 101 5.34 -15.36 4.97
N VAL B 102 4.70 -15.32 3.81
CA VAL B 102 4.66 -16.49 2.93
C VAL B 102 6.06 -16.79 2.38
N SER B 103 6.90 -15.75 2.27
CA SER B 103 8.25 -15.87 1.72
C SER B 103 9.18 -14.78 2.24
N PHE B 104 10.44 -14.84 1.82
CA PHE B 104 11.47 -13.86 2.16
C PHE B 104 11.12 -12.45 1.67
N GLU B 105 10.47 -12.37 0.51
CA GLU B 105 10.26 -11.08 -0.18
C GLU B 105 9.16 -10.21 0.46
N ALA B 106 9.12 -8.94 0.08
CA ALA B 106 8.13 -7.98 0.62
C ALA B 106 6.83 -7.95 -0.19
N ALA B 107 6.27 -9.13 -0.42
CA ALA B 107 4.89 -9.21 -0.89
C ALA B 107 4.01 -8.67 0.23
N MET B 108 3.05 -7.84 -0.14
CA MET B 108 2.17 -7.20 0.84
C MET B 108 0.76 -7.83 0.78
N ASP B 109 0.45 -8.62 1.81
CA ASP B 109 -0.71 -9.51 1.75
C ASP B 109 -2.04 -8.91 2.25
N TYR B 110 -1.96 -7.96 3.17
CA TYR B 110 -3.16 -7.26 3.67
C TYR B 110 -2.93 -5.76 3.59
N TRP B 111 -3.93 -5.06 3.05
CA TRP B 111 -3.90 -3.60 2.92
C TRP B 111 -5.12 -2.98 3.58
N GLY B 112 -4.95 -1.78 4.12
CA GLY B 112 -6.10 -0.98 4.54
C GLY B 112 -6.85 -0.42 3.33
N GLN B 113 -8.00 0.20 3.61
CA GLN B 113 -8.86 0.82 2.60
C GLN B 113 -8.27 2.13 2.07
N GLY B 114 -7.31 2.68 2.81
CA GLY B 114 -6.62 3.91 2.43
C GLY B 114 -7.31 5.14 2.97
N THR B 115 -6.52 6.21 3.12
CA THR B 115 -7.06 7.48 3.58
C THR B 115 -6.56 8.61 2.68
N LEU B 116 -7.48 9.46 2.22
CA LEU B 116 -7.13 10.50 1.26
C LEU B 116 -6.66 11.80 1.92
N VAL B 117 -5.45 12.21 1.57
CA VAL B 117 -4.86 13.44 2.09
C VAL B 117 -4.85 14.43 0.94
N THR B 118 -5.50 15.58 1.15
CA THR B 118 -5.53 16.63 0.14
C THR B 118 -4.73 17.84 0.64
N VAL B 119 -3.72 18.22 -0.14
CA VAL B 119 -2.90 19.40 0.21
C VAL B 119 -3.24 20.52 -0.75
N SER B 120 -3.88 21.54 -0.19
CA SER B 120 -4.40 22.64 -0.99
C SER B 120 -4.59 23.87 -0.16
N SER B 121 -4.29 25.03 -0.77
CA SER B 121 -4.63 26.31 -0.19
C SER B 121 -6.07 26.64 -0.57
N ALA B 122 -7.00 25.94 0.07
CA ALA B 122 -8.44 26.13 -0.12
C ALA B 122 -9.09 25.83 1.22
N SER B 123 -10.40 26.01 1.31
CA SER B 123 -11.10 25.85 2.57
C SER B 123 -11.92 24.58 2.59
N THR B 124 -12.01 23.95 3.76
CA THR B 124 -12.90 22.82 3.96
C THR B 124 -14.35 23.33 3.81
N LYS B 125 -15.17 22.59 3.07
CA LYS B 125 -16.56 22.96 2.84
C LYS B 125 -17.41 21.68 2.78
N GLY B 126 -18.43 21.59 3.61
CA GLY B 126 -19.32 20.44 3.62
C GLY B 126 -20.33 20.51 2.48
N PRO B 127 -20.90 19.34 2.09
CA PRO B 127 -21.78 19.33 0.93
C PRO B 127 -23.17 19.92 1.16
N SER B 128 -23.75 20.49 0.10
CA SER B 128 -25.18 20.70 0.03
C SER B 128 -25.79 19.43 -0.58
N VAL B 129 -26.92 18.98 -0.06
CA VAL B 129 -27.55 17.75 -0.51
C VAL B 129 -28.98 18.03 -0.96
N PHE B 130 -29.27 17.75 -2.24
CA PHE B 130 -30.57 18.00 -2.84
C PHE B 130 -31.16 16.70 -3.39
N PRO B 131 -32.51 16.55 -3.32
CA PRO B 131 -33.11 15.33 -3.85
C PRO B 131 -33.16 15.32 -5.38
N LEU B 132 -33.03 14.13 -5.95
CA LEU B 132 -33.35 13.92 -7.35
C LEU B 132 -34.63 13.08 -7.32
N ALA B 133 -35.77 13.76 -7.39
CA ALA B 133 -37.08 13.14 -7.15
C ALA B 133 -37.45 12.11 -8.24
N PRO B 134 -38.13 11.01 -7.84
CA PRO B 134 -38.50 9.95 -8.80
C PRO B 134 -39.68 10.31 -9.71
N SER B 135 -40.08 9.32 -10.52
CA SER B 135 -41.29 9.34 -11.37
C SER B 135 -41.45 10.55 -12.28
N SER B 136 -40.74 10.52 -13.42
CA SER B 136 -40.77 11.59 -14.39
C SER B 136 -40.84 11.06 -15.82
N GLY B 142 -43.25 0.45 -14.07
CA GLY B 142 -42.10 -0.45 -14.06
C GLY B 142 -41.02 -0.02 -13.07
N THR B 143 -40.06 0.76 -13.58
CA THR B 143 -38.88 1.16 -12.80
C THR B 143 -38.82 2.68 -12.64
N ALA B 144 -38.53 3.13 -11.42
CA ALA B 144 -38.32 4.56 -11.18
C ALA B 144 -36.86 4.81 -10.79
N ALA B 145 -36.30 5.92 -11.27
CA ALA B 145 -34.96 6.35 -10.87
C ALA B 145 -35.09 7.53 -9.93
N LEU B 146 -34.27 7.53 -8.89
CA LEU B 146 -34.23 8.63 -7.95
C LEU B 146 -32.81 8.78 -7.42
N GLY B 147 -32.54 9.85 -6.68
CA GLY B 147 -31.20 10.06 -6.18
C GLY B 147 -31.01 11.26 -5.29
N CYS B 148 -29.74 11.55 -5.04
CA CYS B 148 -29.32 12.74 -4.31
C CYS B 148 -28.17 13.41 -5.05
N LEU B 149 -28.26 14.72 -5.17
CA LEU B 149 -27.18 15.54 -5.70
C LEU B 149 -26.36 16.07 -4.51
N VAL B 150 -25.06 15.76 -4.50
CA VAL B 150 -24.19 16.13 -3.39
C VAL B 150 -23.22 17.18 -3.92
N LYS B 151 -23.48 18.44 -3.61
CA LYS B 151 -22.87 19.55 -4.35
C LYS B 151 -22.08 20.51 -3.48
N ASP B 152 -20.99 21.04 -4.05
CA ASP B 152 -20.22 22.15 -3.47
C ASP B 152 -19.44 21.81 -2.19
N TYR B 153 -18.74 20.68 -2.21
CA TYR B 153 -17.88 20.30 -1.08
C TYR B 153 -16.39 20.30 -1.44
N PHE B 154 -15.56 20.38 -0.41
CA PHE B 154 -14.10 20.29 -0.58
C PHE B 154 -13.49 19.92 0.79
N PRO B 155 -12.47 19.04 0.80
CA PRO B 155 -11.89 18.28 -0.31
C PRO B 155 -12.69 16.98 -0.53
N GLU B 156 -12.20 16.10 -1.40
CA GLU B 156 -12.72 14.74 -1.44
C GLU B 156 -12.25 14.02 -0.17
N PRO B 157 -12.88 12.89 0.18
CA PRO B 157 -14.03 12.27 -0.50
C PRO B 157 -15.34 12.40 0.25
N VAL B 158 -16.44 12.07 -0.43
CA VAL B 158 -17.70 11.77 0.27
C VAL B 158 -18.07 10.31 0.02
N THR B 159 -18.77 9.70 0.96
CA THR B 159 -19.36 8.39 0.70
C THR B 159 -20.88 8.55 0.73
N VAL B 160 -21.58 7.69 0.00
CA VAL B 160 -23.03 7.71 -0.01
C VAL B 160 -23.56 6.30 0.15
N SER B 161 -24.50 6.15 1.08
CA SER B 161 -25.26 4.91 1.16
C SER B 161 -26.74 5.25 1.07
N TRP B 162 -27.56 4.22 0.88
CA TRP B 162 -29.01 4.38 0.80
C TRP B 162 -29.67 3.53 1.89
N ASN B 163 -30.58 4.16 2.63
CA ASN B 163 -31.27 3.49 3.75
C ASN B 163 -30.28 2.79 4.67
N SER B 164 -29.22 3.52 5.02
CA SER B 164 -28.18 3.02 5.92
C SER B 164 -27.49 1.73 5.45
N GLY B 165 -27.45 1.52 4.14
CA GLY B 165 -26.76 0.38 3.57
C GLY B 165 -27.66 -0.80 3.28
N ALA B 166 -28.93 -0.69 3.64
CA ALA B 166 -29.94 -1.71 3.33
C ALA B 166 -30.33 -1.75 1.85
N LEU B 167 -30.15 -0.62 1.15
CA LEU B 167 -30.34 -0.55 -0.29
C LEU B 167 -28.99 -0.40 -1.01
N THR B 168 -28.63 -1.43 -1.77
CA THR B 168 -27.37 -1.45 -2.53
C THR B 168 -27.59 -1.83 -3.99
N SER B 169 -28.62 -2.62 -4.26
CA SER B 169 -28.92 -3.07 -5.61
C SER B 169 -29.34 -1.86 -6.45
N GLY B 170 -28.70 -1.72 -7.61
CA GLY B 170 -29.08 -0.66 -8.55
C GLY B 170 -28.56 0.73 -8.22
N VAL B 171 -27.69 0.82 -7.21
CA VAL B 171 -27.11 2.11 -6.80
C VAL B 171 -25.89 2.45 -7.66
N HIS B 172 -25.87 3.66 -8.20
CA HIS B 172 -24.66 4.21 -8.81
C HIS B 172 -24.28 5.53 -8.13
N THR B 173 -23.12 5.56 -7.48
CA THR B 173 -22.61 6.79 -6.91
C THR B 173 -21.49 7.23 -7.82
N PHE B 174 -21.69 8.36 -8.50
CA PHE B 174 -20.74 8.79 -9.53
C PHE B 174 -19.46 9.33 -8.95
N PRO B 175 -18.33 9.12 -9.66
CA PRO B 175 -17.10 9.82 -9.32
C PRO B 175 -17.34 11.31 -9.25
N ALA B 176 -16.79 11.96 -8.22
CA ALA B 176 -16.90 13.41 -8.09
C ALA B 176 -16.19 14.10 -9.23
N VAL B 177 -16.71 15.25 -9.63
CA VAL B 177 -16.06 16.08 -10.64
C VAL B 177 -15.83 17.46 -10.05
N LEU B 178 -14.67 18.02 -10.32
CA LEU B 178 -14.38 19.37 -9.83
C LEU B 178 -15.08 20.42 -10.72
N GLN B 179 -15.93 21.22 -10.10
CA GLN B 179 -16.68 22.27 -10.81
C GLN B 179 -15.78 23.48 -11.02
N SER B 180 -16.22 24.43 -11.86
CA SER B 180 -15.41 25.63 -12.14
C SER B 180 -15.16 26.50 -10.90
N SER B 181 -16.02 26.35 -9.89
CA SER B 181 -15.85 27.02 -8.60
C SER B 181 -14.70 26.45 -7.74
N GLY B 182 -14.17 25.30 -8.13
CA GLY B 182 -13.12 24.62 -7.35
C GLY B 182 -13.69 23.76 -6.22
N LEU B 183 -14.99 23.51 -6.28
CA LEU B 183 -15.67 22.63 -5.35
C LEU B 183 -16.16 21.38 -6.08
N TYR B 184 -16.18 20.26 -5.38
CA TYR B 184 -16.62 18.99 -5.95
C TYR B 184 -18.14 18.87 -5.98
N SER B 185 -18.63 18.03 -6.89
CA SER B 185 -20.05 17.67 -6.95
C SER B 185 -20.19 16.27 -7.52
N LEU B 186 -21.18 15.54 -7.02
CA LEU B 186 -21.53 14.24 -7.59
C LEU B 186 -23.01 13.96 -7.33
N SER B 187 -23.57 12.99 -8.07
CA SER B 187 -24.88 12.45 -7.77
C SER B 187 -24.76 10.99 -7.41
N SER B 188 -25.67 10.53 -6.55
CA SER B 188 -25.85 9.12 -6.30
C SER B 188 -27.29 8.82 -6.70
N VAL B 189 -27.47 7.80 -7.53
CA VAL B 189 -28.78 7.43 -8.05
C VAL B 189 -29.07 5.96 -7.77
N VAL B 190 -30.35 5.63 -7.80
CA VAL B 190 -30.79 4.26 -7.62
C VAL B 190 -32.08 4.07 -8.41
N THR B 191 -32.25 2.89 -8.98
CA THR B 191 -33.50 2.49 -9.60
C THR B 191 -34.22 1.48 -8.70
N VAL B 192 -35.54 1.69 -8.58
CA VAL B 192 -36.38 0.89 -7.70
C VAL B 192 -37.71 0.63 -8.42
N PRO B 193 -38.49 -0.37 -7.97
CA PRO B 193 -39.84 -0.51 -8.55
C PRO B 193 -40.70 0.74 -8.29
N SER B 194 -41.40 1.20 -9.34
CA SER B 194 -42.30 2.35 -9.25
C SER B 194 -43.36 2.12 -8.18
N SER B 195 -43.79 0.87 -8.06
CA SER B 195 -44.84 0.50 -7.11
C SER B 195 -44.41 0.66 -5.65
N SER B 196 -43.11 0.76 -5.40
CA SER B 196 -42.56 0.89 -4.04
C SER B 196 -42.53 2.32 -3.51
N LEU B 197 -42.80 3.30 -4.37
CA LEU B 197 -42.65 4.71 -3.99
C LEU B 197 -43.59 5.16 -2.86
N GLY B 198 -44.76 4.52 -2.76
CA GLY B 198 -45.72 4.89 -1.73
C GLY B 198 -45.56 4.10 -0.42
N THR B 199 -44.73 3.07 -0.44
CA THR B 199 -44.64 2.12 0.67
C THR B 199 -43.23 1.95 1.23
N GLN B 200 -42.24 2.49 0.51
CA GLN B 200 -40.85 2.39 0.92
C GLN B 200 -40.19 3.77 0.96
N THR B 201 -39.71 4.16 2.15
CA THR B 201 -38.98 5.42 2.29
C THR B 201 -37.56 5.24 1.75
N TYR B 202 -37.10 6.25 1.02
CA TYR B 202 -35.73 6.27 0.47
C TYR B 202 -34.96 7.44 1.04
N ILE B 203 -33.88 7.11 1.75
CA ILE B 203 -33.02 8.12 2.38
C ILE B 203 -31.59 7.92 1.93
N CYS B 204 -30.96 8.98 1.41
CA CYS B 204 -29.53 8.91 1.11
C CYS B 204 -28.74 9.40 2.32
N ASN B 205 -27.69 8.67 2.67
CA ASN B 205 -26.81 9.02 3.80
C ASN B 205 -25.46 9.47 3.26
N VAL B 206 -25.16 10.75 3.41
CA VAL B 206 -23.92 11.32 2.87
C VAL B 206 -22.90 11.48 4.00
N ASN B 207 -21.68 10.95 3.81
CA ASN B 207 -20.61 11.15 4.79
C ASN B 207 -19.44 11.89 4.16
N HIS B 208 -19.15 13.07 4.69
CA HIS B 208 -17.98 13.87 4.28
C HIS B 208 -16.98 13.87 5.44
N LYS B 209 -16.12 12.85 5.48
CA LYS B 209 -15.18 12.70 6.61
C LYS B 209 -14.19 13.87 6.81
N PRO B 210 -13.65 14.45 5.71
CA PRO B 210 -12.81 15.66 5.86
C PRO B 210 -13.43 16.83 6.63
N SER B 211 -14.75 16.93 6.68
CA SER B 211 -15.37 18.02 7.45
C SER B 211 -16.20 17.48 8.60
N ASN B 212 -15.97 16.20 8.92
CA ASN B 212 -16.76 15.46 9.90
C ASN B 212 -18.27 15.73 9.80
N THR B 213 -18.81 15.65 8.58
CA THR B 213 -20.22 15.95 8.35
C THR B 213 -20.95 14.76 7.75
N LYS B 214 -22.03 14.35 8.42
CA LYS B 214 -22.98 13.40 7.85
C LYS B 214 -24.29 14.12 7.58
N VAL B 215 -24.92 13.80 6.44
CA VAL B 215 -26.23 14.38 6.07
C VAL B 215 -27.14 13.26 5.54
N ASP B 216 -28.38 13.22 6.03
CA ASP B 216 -29.42 12.30 5.57
C ASP B 216 -30.47 13.08 4.82
N LYS B 217 -30.88 12.59 3.67
CA LYS B 217 -31.91 13.27 2.89
C LYS B 217 -32.96 12.29 2.41
N LYS B 218 -34.22 12.52 2.81
CA LYS B 218 -35.33 11.72 2.32
C LYS B 218 -35.68 12.21 0.91
N VAL B 219 -35.81 11.27 -0.01
CA VAL B 219 -36.13 11.58 -1.40
C VAL B 219 -37.53 11.02 -1.71
N GLU B 220 -38.46 11.92 -2.00
CA GLU B 220 -39.85 11.52 -2.22
C GLU B 220 -40.40 12.05 -3.55
N PRO B 221 -41.46 11.40 -4.08
CA PRO B 221 -42.11 11.90 -5.30
C PRO B 221 -42.62 13.31 -5.10
N LYS B 222 -42.46 14.15 -6.11
CA LYS B 222 -42.86 15.54 -6.05
C LYS B 222 -44.37 15.66 -6.24
N SER B 223 -45.02 16.51 -5.44
CA SER B 223 -46.45 16.75 -5.58
C SER B 223 -46.74 18.10 -6.25
N ASP C 1 17.24 3.73 -8.38
CA ASP C 1 16.27 2.62 -8.15
C ASP C 1 16.31 1.63 -9.32
N ILE C 2 15.80 0.42 -9.08
CA ILE C 2 15.51 -0.51 -10.18
C ILE C 2 14.24 -0.02 -10.86
N GLN C 3 14.22 -0.05 -12.19
CA GLN C 3 13.02 0.33 -12.92
C GLN C 3 12.18 -0.90 -13.21
N MET C 4 10.86 -0.74 -13.15
CA MET C 4 9.90 -1.78 -13.50
C MET C 4 8.96 -1.24 -14.58
N THR C 5 9.09 -1.78 -15.79
CA THR C 5 8.36 -1.23 -16.93
C THR C 5 7.32 -2.22 -17.43
N GLN C 6 6.04 -1.86 -17.25
CA GLN C 6 4.90 -2.71 -17.64
C GLN C 6 4.37 -2.41 -19.01
N SER C 7 3.94 -3.46 -19.70
CA SER C 7 3.24 -3.34 -20.97
C SER C 7 2.15 -4.40 -21.07
N PRO C 8 1.05 -4.10 -21.78
CA PRO C 8 0.71 -2.82 -22.41
C PRO C 8 0.28 -1.79 -21.37
N SER C 9 0.04 -0.54 -21.78
CA SER C 9 -0.44 0.46 -20.83
C SER C 9 -1.90 0.17 -20.49
N SER C 10 -2.65 -0.27 -21.50
CA SER C 10 -4.03 -0.67 -21.29
C SER C 10 -4.43 -1.74 -22.30
N LEU C 11 -5.53 -2.42 -22.03
CA LEU C 11 -6.06 -3.41 -22.96
C LEU C 11 -7.55 -3.58 -22.74
N SER C 12 -8.26 -3.87 -23.83
CA SER C 12 -9.67 -4.19 -23.77
C SER C 12 -9.80 -5.60 -24.32
N ALA C 13 -10.34 -6.52 -23.52
CA ALA C 13 -10.48 -7.93 -23.93
C ALA C 13 -11.86 -8.49 -23.57
N SER C 14 -12.31 -9.50 -24.29
CA SER C 14 -13.64 -10.09 -24.07
C SER C 14 -13.58 -11.17 -22.99
N VAL C 15 -14.73 -11.46 -22.39
CA VAL C 15 -14.85 -12.56 -21.45
C VAL C 15 -14.43 -13.86 -22.14
N GLY C 16 -13.51 -14.59 -21.49
CA GLY C 16 -13.02 -15.85 -22.02
C GLY C 16 -11.71 -15.72 -22.76
N ASP C 17 -11.29 -14.50 -23.07
CA ASP C 17 -10.01 -14.24 -23.72
C ASP C 17 -8.84 -14.57 -22.80
N ARG C 18 -7.70 -14.91 -23.40
N ARG C 18 -7.69 -14.88 -23.40
CA ARG C 18 -6.46 -15.04 -22.65
CA ARG C 18 -6.45 -15.06 -22.65
C ARG C 18 -5.84 -13.66 -22.56
C ARG C 18 -5.71 -13.72 -22.59
N VAL C 19 -5.32 -13.30 -21.40
CA VAL C 19 -4.69 -11.99 -21.22
C VAL C 19 -3.28 -12.14 -20.68
N THR C 20 -2.32 -11.51 -21.35
CA THR C 20 -0.94 -11.53 -20.89
C THR C 20 -0.43 -10.08 -20.71
N ILE C 21 0.11 -9.84 -19.52
N ILE C 21 0.13 -9.81 -19.55
CA ILE C 21 0.66 -8.55 -19.11
CA ILE C 21 0.75 -8.52 -19.31
C ILE C 21 2.14 -8.79 -18.80
C ILE C 21 2.18 -8.73 -18.83
N THR C 22 2.98 -7.84 -19.18
N THR C 22 3.09 -7.91 -19.34
CA THR C 22 4.43 -8.04 -19.08
CA THR C 22 4.50 -8.12 -19.06
C THR C 22 5.06 -6.98 -18.19
C THR C 22 5.06 -7.02 -18.18
N CYS C 23 6.13 -7.35 -17.49
CA CYS C 23 6.86 -6.41 -16.64
C CYS C 23 8.35 -6.66 -16.85
N ARG C 24 9.08 -5.61 -17.23
CA ARG C 24 10.52 -5.74 -17.45
C ARG C 24 11.32 -4.99 -16.39
N ALA C 25 12.20 -5.71 -15.70
CA ALA C 25 13.06 -5.12 -14.68
C ALA C 25 14.38 -4.64 -15.29
N SER C 26 14.88 -3.51 -14.78
CA SER C 26 16.13 -2.91 -15.28
C SER C 26 17.38 -3.70 -14.89
N GLN C 27 17.25 -4.59 -13.90
CA GLN C 27 18.33 -5.51 -13.55
C GLN C 27 17.77 -6.84 -13.09
N ASP C 28 18.64 -7.83 -12.95
CA ASP C 28 18.24 -9.20 -12.57
C ASP C 28 17.62 -9.22 -11.16
N LEU C 29 16.38 -9.70 -11.08
CA LEU C 29 15.64 -9.79 -9.82
C LEU C 29 15.44 -11.25 -9.40
N ALA C 30 16.06 -12.17 -10.15
CA ALA C 30 15.83 -13.60 -9.99
C ALA C 30 14.33 -13.84 -10.13
N THR C 31 13.67 -14.32 -9.08
CA THR C 31 12.22 -14.51 -9.12
C THR C 31 11.47 -13.59 -8.15
N ASP C 32 12.11 -12.48 -7.78
CA ASP C 32 11.58 -11.59 -6.72
C ASP C 32 10.63 -10.55 -7.28
N VAL C 33 9.49 -11.05 -7.77
CA VAL C 33 8.45 -10.21 -8.33
C VAL C 33 7.10 -10.63 -7.78
N ALA C 34 6.32 -9.66 -7.31
CA ALA C 34 4.94 -9.89 -6.94
C ALA C 34 4.00 -9.18 -7.90
N TRP C 35 2.76 -9.68 -8.01
CA TRP C 35 1.72 -9.03 -8.83
C TRP C 35 0.49 -8.75 -7.99
N TYR C 36 -0.15 -7.60 -8.25
CA TYR C 36 -1.35 -7.15 -7.53
C TYR C 36 -2.46 -6.77 -8.48
N GLN C 37 -3.69 -6.93 -8.02
CA GLN C 37 -4.89 -6.49 -8.72
C GLN C 37 -5.50 -5.33 -7.92
N GLN C 38 -5.77 -4.22 -8.59
CA GLN C 38 -6.43 -3.11 -7.92
C GLN C 38 -7.72 -2.67 -8.62
N LYS C 39 -8.84 -2.89 -7.94
CA LYS C 39 -10.13 -2.41 -8.44
C LYS C 39 -10.32 -0.95 -8.02
N PRO C 40 -11.10 -0.17 -8.79
CA PRO C 40 -11.20 1.27 -8.49
C PRO C 40 -11.82 1.55 -7.12
N GLY C 41 -11.24 2.49 -6.38
CA GLY C 41 -11.68 2.79 -5.01
C GLY C 41 -11.33 1.74 -3.96
N LYS C 42 -10.57 0.73 -4.37
CA LYS C 42 -10.17 -0.34 -3.46
C LYS C 42 -8.65 -0.40 -3.34
N ALA C 43 -8.17 -1.04 -2.27
CA ALA C 43 -6.74 -1.29 -2.10
C ALA C 43 -6.28 -2.40 -3.05
N PRO C 44 -4.97 -2.41 -3.40
CA PRO C 44 -4.43 -3.54 -4.18
C PRO C 44 -4.59 -4.86 -3.43
N LYS C 45 -4.78 -5.93 -4.18
CA LYS C 45 -4.87 -7.28 -3.63
C LYS C 45 -3.75 -8.11 -4.21
N LEU C 46 -3.04 -8.84 -3.34
CA LEU C 46 -1.92 -9.69 -3.75
C LEU C 46 -2.39 -10.91 -4.55
N LEU C 47 -1.83 -11.11 -5.75
CA LEU C 47 -2.18 -12.27 -6.57
C LEU C 47 -1.06 -13.31 -6.60
N ILE C 48 0.16 -12.84 -6.84
CA ILE C 48 1.31 -13.71 -7.13
C ILE C 48 2.52 -13.21 -6.36
N TYR C 49 3.31 -14.12 -5.80
CA TYR C 49 4.60 -13.77 -5.19
C TYR C 49 5.68 -14.70 -5.75
N SER C 50 6.94 -14.32 -5.60
CA SER C 50 8.07 -15.09 -6.16
C SER C 50 7.83 -15.47 -7.61
N ALA C 51 7.28 -14.52 -8.37
CA ALA C 51 7.05 -14.59 -9.82
C ALA C 51 5.95 -15.55 -10.30
N SER C 52 5.77 -16.68 -9.64
CA SER C 52 4.87 -17.72 -10.15
C SER C 52 4.01 -18.40 -9.09
N PHE C 53 4.15 -18.02 -7.83
CA PHE C 53 3.42 -18.67 -6.73
C PHE C 53 2.09 -17.98 -6.47
N LEU C 54 1.01 -18.75 -6.55
CA LEU C 54 -0.33 -18.20 -6.35
C LEU C 54 -0.59 -17.95 -4.87
N TYR C 55 -0.97 -16.73 -4.53
CA TYR C 55 -1.33 -16.43 -3.14
C TYR C 55 -2.64 -17.16 -2.74
N SER C 56 -2.73 -17.58 -1.48
CA SER C 56 -3.89 -18.36 -1.05
C SER C 56 -5.22 -17.67 -1.34
N GLY C 57 -6.15 -18.41 -1.95
CA GLY C 57 -7.49 -17.90 -2.24
C GLY C 57 -7.65 -17.22 -3.59
N VAL C 58 -6.54 -17.04 -4.31
CA VAL C 58 -6.60 -16.41 -5.64
C VAL C 58 -7.05 -17.46 -6.67
N PRO C 59 -7.99 -17.09 -7.57
CA PRO C 59 -8.43 -18.05 -8.59
C PRO C 59 -7.30 -18.60 -9.45
N SER C 60 -7.42 -19.87 -9.82
CA SER C 60 -6.41 -20.55 -10.62
C SER C 60 -6.26 -20.01 -12.05
N ARG C 61 -7.21 -19.21 -12.53
CA ARG C 61 -7.01 -18.55 -13.83
C ARG C 61 -5.84 -17.56 -13.83
N PHE C 62 -5.40 -17.12 -12.65
CA PHE C 62 -4.21 -16.26 -12.57
C PHE C 62 -2.95 -17.11 -12.45
N SER C 63 -1.93 -16.75 -13.23
CA SER C 63 -0.64 -17.42 -13.14
C SER C 63 0.46 -16.43 -13.44
N GLY C 64 1.66 -16.70 -12.96
CA GLY C 64 2.80 -15.85 -13.25
C GLY C 64 3.97 -16.64 -13.76
N SER C 65 4.83 -15.96 -14.52
CA SER C 65 5.99 -16.62 -15.12
C SER C 65 7.16 -15.66 -15.21
N GLY C 66 8.37 -16.22 -15.29
CA GLY C 66 9.57 -15.43 -15.58
C GLY C 66 10.61 -15.48 -14.47
N SER C 67 11.85 -15.15 -14.84
CA SER C 67 12.94 -14.97 -13.88
C SER C 67 13.99 -14.08 -14.51
N GLY C 68 14.73 -13.35 -13.69
CA GLY C 68 15.71 -12.40 -14.23
C GLY C 68 15.14 -11.02 -14.45
N THR C 69 14.86 -10.68 -15.71
CA THR C 69 14.41 -9.34 -16.06
C THR C 69 13.01 -9.30 -16.72
N ASP C 70 12.52 -10.45 -17.18
CA ASP C 70 11.25 -10.49 -17.92
C ASP C 70 10.21 -11.35 -17.21
N PHE C 71 9.09 -10.73 -16.87
CA PHE C 71 8.04 -11.35 -16.04
C PHE C 71 6.69 -11.14 -16.68
N THR C 72 5.81 -12.12 -16.50
N THR C 72 5.82 -12.13 -16.56
CA THR C 72 4.51 -12.10 -17.14
CA THR C 72 4.49 -12.04 -17.15
C THR C 72 3.43 -12.51 -16.13
C THR C 72 3.42 -12.54 -16.19
N LEU C 73 2.27 -11.85 -16.21
CA LEU C 73 1.08 -12.28 -15.48
C LEU C 73 0.11 -12.72 -16.57
N THR C 74 -0.48 -13.89 -16.41
CA THR C 74 -1.46 -14.40 -17.37
C THR C 74 -2.80 -14.67 -16.68
N ILE C 75 -3.88 -14.20 -17.30
CA ILE C 75 -5.24 -14.56 -16.91
C ILE C 75 -5.72 -15.51 -18.02
N SER C 76 -5.92 -16.78 -17.68
CA SER C 76 -6.15 -17.81 -18.72
C SER C 76 -7.48 -17.63 -19.46
N SER C 77 -8.47 -17.11 -18.73
CA SER C 77 -9.84 -16.96 -19.22
C SER C 77 -10.46 -15.77 -18.49
N LEU C 78 -10.48 -14.62 -19.15
CA LEU C 78 -10.90 -13.38 -18.48
C LEU C 78 -12.35 -13.45 -18.04
N GLN C 79 -12.59 -13.01 -16.81
CA GLN C 79 -13.96 -12.91 -16.28
C GLN C 79 -14.37 -11.45 -16.11
N PRO C 80 -15.69 -11.15 -16.08
CA PRO C 80 -16.12 -9.75 -15.98
C PRO C 80 -15.56 -9.07 -14.72
N GLU C 81 -15.40 -9.83 -13.64
CA GLU C 81 -14.92 -9.27 -12.38
C GLU C 81 -13.42 -8.98 -12.37
N ASP C 82 -12.75 -9.30 -13.48
CA ASP C 82 -11.29 -9.08 -13.60
C ASP C 82 -10.92 -7.68 -14.07
N PHE C 83 -11.94 -6.87 -14.35
CA PHE C 83 -11.73 -5.44 -14.62
C PHE C 83 -10.93 -4.82 -13.47
N ALA C 84 -9.73 -4.31 -13.76
CA ALA C 84 -8.82 -3.77 -12.75
C ALA C 84 -7.58 -3.17 -13.39
N THR C 85 -6.76 -2.51 -12.57
CA THR C 85 -5.39 -2.19 -12.94
C THR C 85 -4.51 -3.20 -12.21
N TYR C 86 -3.58 -3.79 -12.95
CA TYR C 86 -2.68 -4.81 -12.45
C TYR C 86 -1.29 -4.23 -12.36
N TYR C 87 -0.59 -4.53 -11.26
CA TYR C 87 0.73 -3.96 -10.98
C TYR C 87 1.73 -5.05 -10.72
N CYS C 88 2.92 -4.94 -11.31
CA CYS C 88 4.04 -5.76 -10.86
C CYS C 88 4.80 -5.00 -9.76
N GLN C 89 5.56 -5.74 -8.97
CA GLN C 89 6.35 -5.14 -7.89
C GLN C 89 7.68 -5.87 -7.78
N GLN C 90 8.75 -5.08 -7.74
CA GLN C 90 10.06 -5.60 -7.39
C GLN C 90 9.98 -5.85 -5.88
N SER C 91 10.03 -7.11 -5.46
CA SER C 91 9.70 -7.41 -4.05
C SER C 91 10.93 -7.56 -3.12
N GLU C 92 12.13 -7.44 -3.69
CA GLU C 92 13.38 -7.56 -2.91
C GLU C 92 14.53 -6.88 -3.66
N PRO C 93 15.29 -5.99 -2.97
CA PRO C 93 15.11 -5.43 -1.64
C PRO C 93 14.38 -4.09 -1.71
N GLU C 94 14.48 -3.28 -0.65
CA GLU C 94 13.99 -1.89 -0.69
C GLU C 94 14.60 -1.19 -1.92
N PRO C 95 13.89 -0.21 -2.52
CA PRO C 95 12.59 0.36 -2.16
C PRO C 95 11.34 -0.27 -2.80
N TYR C 96 11.44 -1.51 -3.26
CA TYR C 96 10.26 -2.31 -3.67
C TYR C 96 9.42 -1.65 -4.76
N THR C 97 10.09 -1.23 -5.83
CA THR C 97 9.49 -0.46 -6.92
C THR C 97 8.26 -1.15 -7.51
N PHE C 98 7.14 -0.41 -7.60
CA PHE C 98 5.95 -0.89 -8.32
C PHE C 98 6.02 -0.45 -9.77
N GLY C 99 5.61 -1.31 -10.69
CA GLY C 99 5.39 -0.93 -12.08
C GLY C 99 4.29 0.10 -12.20
N GLN C 100 4.13 0.69 -13.38
CA GLN C 100 3.20 1.81 -13.53
C GLN C 100 1.74 1.36 -13.73
N GLY C 101 1.54 0.05 -13.84
CA GLY C 101 0.20 -0.53 -13.96
C GLY C 101 -0.25 -0.76 -15.38
N THR C 102 -1.11 -1.77 -15.54
CA THR C 102 -1.79 -2.04 -16.80
C THR C 102 -3.31 -2.08 -16.53
N LYS C 103 -4.05 -1.20 -17.21
CA LYS C 103 -5.50 -1.17 -17.06
C LYS C 103 -6.19 -2.19 -17.98
N VAL C 104 -6.94 -3.10 -17.39
CA VAL C 104 -7.67 -4.12 -18.16
C VAL C 104 -9.17 -3.79 -18.13
N GLU C 105 -9.74 -3.55 -19.30
N GLU C 105 -9.73 -3.55 -19.31
CA GLU C 105 -11.18 -3.31 -19.40
CA GLU C 105 -11.16 -3.29 -19.46
C GLU C 105 -11.84 -4.41 -20.22
C GLU C 105 -11.82 -4.47 -20.18
N ILE C 106 -13.12 -4.64 -19.95
CA ILE C 106 -13.84 -5.76 -20.56
C ILE C 106 -14.61 -5.29 -21.80
N LYS C 107 -14.46 -6.05 -22.89
CA LYS C 107 -15.20 -5.83 -24.11
C LYS C 107 -16.42 -6.73 -24.07
N ARG C 108 -17.57 -6.21 -24.47
CA ARG C 108 -18.82 -6.98 -24.49
C ARG C 108 -19.74 -6.48 -25.60
N THR C 109 -20.93 -7.08 -25.70
CA THR C 109 -21.92 -6.68 -26.71
C THR C 109 -22.47 -5.27 -26.41
N VAL C 110 -22.96 -4.61 -27.45
CA VAL C 110 -23.56 -3.28 -27.30
C VAL C 110 -24.81 -3.36 -26.40
N ALA C 111 -24.97 -2.37 -25.53
CA ALA C 111 -26.17 -2.25 -24.70
C ALA C 111 -26.58 -0.79 -24.65
N ALA C 112 -27.84 -0.49 -24.97
CA ALA C 112 -28.31 0.89 -25.00
C ALA C 112 -28.51 1.46 -23.60
N PRO C 113 -28.28 2.78 -23.44
CA PRO C 113 -28.59 3.38 -22.14
C PRO C 113 -30.09 3.53 -21.92
N SER C 114 -30.50 3.41 -20.66
CA SER C 114 -31.81 3.88 -20.22
C SER C 114 -31.64 5.29 -19.70
N VAL C 115 -32.42 6.22 -20.25
CA VAL C 115 -32.16 7.65 -20.00
C VAL C 115 -33.24 8.23 -19.10
N PHE C 116 -32.81 9.05 -18.14
CA PHE C 116 -33.69 9.71 -17.19
C PHE C 116 -33.26 11.17 -17.05
N ILE C 117 -34.22 12.06 -16.82
CA ILE C 117 -33.92 13.47 -16.56
C ILE C 117 -34.52 13.91 -15.22
N PHE C 118 -33.78 14.77 -14.50
CA PHE C 118 -34.20 15.30 -13.20
C PHE C 118 -34.14 16.82 -13.18
N PRO C 119 -35.29 17.49 -12.99
CA PRO C 119 -35.31 18.95 -12.79
C PRO C 119 -34.58 19.35 -11.50
N PRO C 120 -34.20 20.63 -11.35
CA PRO C 120 -33.64 21.05 -10.08
C PRO C 120 -34.71 20.98 -9.01
N SER C 121 -34.30 20.73 -7.77
CA SER C 121 -35.23 20.72 -6.65
C SER C 121 -35.61 22.15 -6.31
N ASP C 122 -36.80 22.33 -5.75
CA ASP C 122 -37.22 23.64 -5.27
C ASP C 122 -36.27 24.14 -4.18
N GLU C 123 -35.75 23.22 -3.36
CA GLU C 123 -34.80 23.59 -2.31
C GLU C 123 -33.55 24.24 -2.89
N GLN C 124 -32.99 23.66 -3.95
CA GLN C 124 -31.82 24.27 -4.59
C GLN C 124 -32.18 25.61 -5.23
N LEU C 125 -33.36 25.68 -5.85
CA LEU C 125 -33.78 26.89 -6.55
C LEU C 125 -33.83 28.14 -5.66
N LYS C 126 -34.35 27.98 -4.44
CA LYS C 126 -34.39 29.08 -3.47
C LYS C 126 -32.97 29.59 -3.10
N SER C 127 -31.96 28.77 -3.40
CA SER C 127 -30.57 29.11 -3.14
C SER C 127 -29.93 29.91 -4.29
N GLY C 128 -30.61 29.98 -5.44
CA GLY C 128 -30.15 30.80 -6.58
C GLY C 128 -29.43 30.07 -7.72
N THR C 129 -29.42 28.74 -7.65
CA THR C 129 -28.76 27.90 -8.66
C THR C 129 -29.67 26.75 -9.05
N ALA C 130 -29.60 26.35 -10.31
CA ALA C 130 -30.36 25.22 -10.81
C ALA C 130 -29.40 24.19 -11.41
N SER C 131 -29.43 22.97 -10.88
CA SER C 131 -28.72 21.87 -11.50
C SER C 131 -29.76 20.95 -12.16
N VAL C 132 -29.57 20.65 -13.44
CA VAL C 132 -30.42 19.73 -14.17
C VAL C 132 -29.58 18.48 -14.45
N VAL C 133 -30.10 17.30 -14.14
CA VAL C 133 -29.28 16.09 -14.21
C VAL C 133 -29.88 15.09 -15.19
N CYS C 134 -29.03 14.58 -16.08
CA CYS C 134 -29.41 13.54 -17.02
C CYS C 134 -28.63 12.27 -16.70
N LEU C 135 -29.34 11.15 -16.61
CA LEU C 135 -28.73 9.86 -16.29
C LEU C 135 -28.83 8.89 -17.46
N LEU C 136 -27.70 8.32 -17.86
CA LEU C 136 -27.66 7.23 -18.83
C LEU C 136 -27.30 5.98 -18.05
N ASN C 137 -28.22 5.02 -17.97
CA ASN C 137 -28.02 3.88 -17.07
C ASN C 137 -27.65 2.60 -17.82
N ASN C 138 -26.57 1.97 -17.37
CA ASN C 138 -26.17 0.61 -17.79
C ASN C 138 -26.04 0.37 -19.31
N PHE C 139 -25.01 0.98 -19.89
CA PHE C 139 -24.77 0.89 -21.34
C PHE C 139 -23.35 0.48 -21.69
N TYR C 140 -23.15 0.11 -22.96
CA TYR C 140 -21.85 -0.30 -23.49
C TYR C 140 -21.91 -0.08 -25.01
N PRO C 141 -20.85 0.50 -25.62
CA PRO C 141 -19.57 0.93 -25.02
C PRO C 141 -19.67 2.27 -24.29
N ARG C 142 -18.56 2.69 -23.69
CA ARG C 142 -18.48 3.92 -22.89
C ARG C 142 -18.84 5.19 -23.67
N GLU C 143 -18.46 5.22 -24.94
CA GLU C 143 -18.61 6.39 -25.79
C GLU C 143 -20.08 6.75 -25.98
N ALA C 144 -20.42 7.98 -25.65
CA ALA C 144 -21.78 8.47 -25.79
C ALA C 144 -21.72 9.98 -26.02
N LYS C 145 -22.67 10.50 -26.78
CA LYS C 145 -22.82 11.95 -26.92
C LYS C 145 -24.08 12.39 -26.19
N VAL C 146 -23.92 13.30 -25.25
CA VAL C 146 -25.02 13.79 -24.41
C VAL C 146 -25.09 15.31 -24.53
N GLN C 147 -26.18 15.80 -25.11
CA GLN C 147 -26.32 17.23 -25.38
C GLN C 147 -27.54 17.83 -24.68
N TRP C 148 -27.34 19.02 -24.10
CA TRP C 148 -28.42 19.76 -23.45
C TRP C 148 -28.97 20.79 -24.42
N LYS C 149 -30.29 20.82 -24.53
CA LYS C 149 -31.00 21.86 -25.27
C LYS C 149 -31.93 22.56 -24.30
N VAL C 150 -31.90 23.88 -24.32
CA VAL C 150 -32.78 24.67 -23.47
C VAL C 150 -33.60 25.54 -24.43
N ASP C 151 -34.91 25.32 -24.45
CA ASP C 151 -35.77 25.90 -25.50
C ASP C 151 -35.17 25.71 -26.90
N ASN C 152 -34.71 24.49 -27.17
CA ASN C 152 -34.09 24.11 -28.44
C ASN C 152 -32.67 24.64 -28.74
N ALA C 153 -32.13 25.47 -27.85
CA ALA C 153 -30.78 25.99 -28.07
C ALA C 153 -29.76 25.05 -27.43
N LEU C 154 -28.78 24.61 -28.23
CA LEU C 154 -27.70 23.75 -27.74
C LEU C 154 -26.85 24.49 -26.72
N GLN C 155 -26.59 23.82 -25.59
CA GLN C 155 -25.77 24.42 -24.53
C GLN C 155 -24.30 24.05 -24.70
N SER C 156 -23.42 24.97 -24.31
CA SER C 156 -21.99 24.76 -24.34
C SER C 156 -21.34 25.43 -23.13
N GLY C 157 -20.38 24.74 -22.53
CA GLY C 157 -19.58 25.34 -21.45
C GLY C 157 -20.23 25.37 -20.07
N ASN C 158 -21.43 24.81 -19.96
CA ASN C 158 -22.15 24.84 -18.68
C ASN C 158 -22.64 23.47 -18.18
N SER C 159 -21.98 22.41 -18.64
CA SER C 159 -22.29 21.06 -18.16
C SER C 159 -21.03 20.23 -17.94
N GLN C 160 -21.11 19.26 -17.03
CA GLN C 160 -20.03 18.31 -16.81
C GLN C 160 -20.57 16.90 -16.75
N GLU C 161 -19.75 15.95 -17.20
CA GLU C 161 -20.09 14.53 -17.13
C GLU C 161 -19.24 13.76 -16.15
N SER C 162 -19.82 12.66 -15.64
CA SER C 162 -19.11 11.70 -14.81
C SER C 162 -19.56 10.31 -15.22
N VAL C 163 -18.62 9.37 -15.29
CA VAL C 163 -18.92 8.01 -15.73
C VAL C 163 -18.46 7.08 -14.64
N THR C 164 -19.27 6.06 -14.37
CA THR C 164 -18.90 5.03 -13.42
C THR C 164 -17.80 4.16 -14.01
N GLU C 165 -17.10 3.46 -13.11
CA GLU C 165 -16.20 2.43 -13.54
C GLU C 165 -17.05 1.27 -13.99
N GLN C 166 -16.49 0.47 -14.89
CA GLN C 166 -17.16 -0.69 -15.42
C GLN C 166 -17.74 -1.60 -14.34
N ASP C 167 -18.98 -2.02 -14.52
CA ASP C 167 -19.64 -2.92 -13.57
C ASP C 167 -18.95 -4.28 -13.57
N SER C 168 -18.61 -4.78 -12.39
CA SER C 168 -17.89 -6.05 -12.25
C SER C 168 -18.73 -7.30 -12.60
N LYS C 169 -20.04 -7.11 -12.76
CA LYS C 169 -20.91 -8.22 -13.13
C LYS C 169 -21.34 -8.25 -14.61
N ASP C 170 -21.76 -7.12 -15.16
CA ASP C 170 -22.23 -7.10 -16.57
C ASP C 170 -21.45 -6.17 -17.49
N SER C 171 -20.40 -5.54 -16.95
CA SER C 171 -19.41 -4.79 -17.74
C SER C 171 -19.96 -3.52 -18.41
N THR C 172 -21.11 -3.04 -17.92
CA THR C 172 -21.71 -1.80 -18.43
C THR C 172 -21.25 -0.57 -17.66
N TYR C 173 -21.53 0.61 -18.22
CA TYR C 173 -21.23 1.88 -17.56
C TYR C 173 -22.53 2.62 -17.31
N SER C 174 -22.47 3.59 -16.40
CA SER C 174 -23.51 4.61 -16.30
C SER C 174 -22.85 5.97 -16.33
N LEU C 175 -23.61 6.98 -16.71
CA LEU C 175 -23.06 8.31 -16.92
C LEU C 175 -24.06 9.34 -16.44
N SER C 176 -23.55 10.39 -15.80
CA SER C 176 -24.36 11.52 -15.43
C SER C 176 -23.86 12.73 -16.19
N SER C 177 -24.78 13.55 -16.65
CA SER C 177 -24.45 14.88 -17.17
C SER C 177 -25.25 15.89 -16.36
N THR C 178 -24.57 16.91 -15.85
CA THR C 178 -25.19 17.92 -15.01
C THR C 178 -25.04 19.29 -15.62
N LEU C 179 -26.18 19.92 -15.91
CA LEU C 179 -26.24 21.28 -16.47
C LEU C 179 -26.46 22.26 -15.33
N THR C 180 -25.59 23.28 -15.25
CA THR C 180 -25.66 24.30 -14.19
C THR C 180 -26.06 25.64 -14.78
N LEU C 181 -27.15 26.20 -14.25
CA LEU C 181 -27.64 27.53 -14.61
C LEU C 181 -27.93 28.34 -13.35
N SER C 182 -27.92 29.66 -13.47
CA SER C 182 -28.44 30.52 -12.40
C SER C 182 -29.95 30.33 -12.34
N LYS C 183 -30.54 30.57 -11.16
CA LYS C 183 -32.00 30.55 -11.01
C LYS C 183 -32.66 31.47 -12.05
N ALA C 184 -32.10 32.67 -12.22
CA ALA C 184 -32.60 33.64 -13.19
C ALA C 184 -32.61 33.10 -14.62
N ASP C 185 -31.51 32.51 -15.07
CA ASP C 185 -31.46 31.88 -16.38
C ASP C 185 -32.44 30.70 -16.47
N TYR C 186 -32.46 29.85 -15.45
CA TYR C 186 -33.38 28.70 -15.42
C TYR C 186 -34.84 29.13 -15.59
N GLU C 187 -35.21 30.22 -14.90
CA GLU C 187 -36.60 30.69 -14.91
C GLU C 187 -37.00 31.43 -16.18
N LYS C 188 -36.04 31.78 -17.04
CA LYS C 188 -36.44 32.45 -18.29
C LYS C 188 -36.60 31.51 -19.49
N HIS C 189 -36.53 30.20 -19.24
CA HIS C 189 -36.74 29.21 -20.30
C HIS C 189 -37.71 28.13 -19.86
N LYS C 190 -38.32 27.45 -20.83
CA LYS C 190 -39.37 26.48 -20.55
C LYS C 190 -38.94 25.01 -20.72
N VAL C 191 -38.42 24.67 -21.90
CA VAL C 191 -38.14 23.26 -22.24
C VAL C 191 -36.68 22.87 -21.97
N TYR C 192 -36.51 21.83 -21.17
CA TYR C 192 -35.18 21.35 -20.78
C TYR C 192 -35.06 19.93 -21.30
N ALA C 193 -34.08 19.72 -22.17
CA ALA C 193 -33.96 18.44 -22.89
C ALA C 193 -32.54 17.91 -22.86
N CYS C 194 -32.42 16.62 -22.62
CA CYS C 194 -31.17 15.89 -22.68
C CYS C 194 -31.28 14.95 -23.88
N GLU C 195 -30.42 15.14 -24.88
CA GLU C 195 -30.42 14.25 -26.06
C GLU C 195 -29.20 13.35 -26.10
N VAL C 196 -29.46 12.06 -26.25
CA VAL C 196 -28.44 11.03 -26.15
C VAL C 196 -28.23 10.26 -27.45
N THR C 197 -26.99 10.28 -27.92
CA THR C 197 -26.58 9.52 -29.10
C THR C 197 -25.64 8.40 -28.67
N HIS C 198 -25.95 7.18 -29.09
CA HIS C 198 -25.19 6.01 -28.65
C HIS C 198 -25.36 4.87 -29.66
N GLN C 199 -24.32 4.07 -29.82
CA GLN C 199 -24.31 2.88 -30.71
C GLN C 199 -25.54 1.96 -30.54
N GLY C 200 -26.04 1.85 -29.31
CA GLY C 200 -27.16 0.97 -29.01
C GLY C 200 -28.51 1.58 -29.33
N LEU C 201 -28.51 2.85 -29.73
CA LEU C 201 -29.74 3.57 -30.09
C LEU C 201 -29.79 3.78 -31.61
N SER C 202 -30.89 3.35 -32.22
CA SER C 202 -31.04 3.46 -33.68
C SER C 202 -31.10 4.92 -34.13
N SER C 203 -31.67 5.76 -33.27
CA SER C 203 -31.55 7.20 -33.42
C SER C 203 -31.52 7.80 -32.01
N PRO C 204 -31.03 9.06 -31.88
CA PRO C 204 -30.89 9.67 -30.56
C PRO C 204 -32.19 9.70 -29.75
N VAL C 205 -32.07 9.49 -28.45
CA VAL C 205 -33.20 9.51 -27.52
C VAL C 205 -33.18 10.84 -26.76
N THR C 206 -34.34 11.47 -26.65
CA THR C 206 -34.47 12.72 -25.88
C THR C 206 -35.38 12.49 -24.67
N LYS C 207 -34.90 12.90 -23.49
CA LYS C 207 -35.78 13.05 -22.34
C LYS C 207 -35.85 14.52 -22.00
N SER C 208 -37.05 14.99 -21.67
CA SER C 208 -37.22 16.42 -21.44
C SER C 208 -38.35 16.68 -20.47
N PHE C 209 -38.38 17.91 -19.96
CA PHE C 209 -39.48 18.39 -19.13
C PHE C 209 -39.70 19.89 -19.39
N ASN C 210 -40.89 20.36 -19.02
CA ASN C 210 -41.24 21.77 -19.07
C ASN C 210 -41.20 22.29 -17.65
N ARG C 211 -40.42 23.35 -17.45
CA ARG C 211 -40.28 23.98 -16.13
C ARG C 211 -41.66 24.30 -15.55
N GLY C 212 -41.89 23.85 -14.31
CA GLY C 212 -43.11 24.17 -13.57
C GLY C 212 -44.28 23.25 -13.78
N GLU C 213 -44.21 22.41 -14.82
CA GLU C 213 -45.33 21.54 -15.18
C GLU C 213 -45.23 20.15 -14.55
#